data_5G5P
#
_entry.id   5G5P
#
_cell.length_a   1.000
_cell.length_b   1.000
_cell.length_c   1.000
_cell.angle_alpha   90.00
_cell.angle_beta   90.00
_cell.angle_gamma   90.00
#
_symmetry.space_group_name_H-M   'P 1'
#
loop_
_entity.id
_entity.type
_entity.pdbx_description
1 polymer 'NUCLEAR MRNA EXPORT PROTEIN SAC3'
2 polymer 'NUCLEAR MRNA EXPORT PROTEIN THP1'
3 polymer '26S PROTEASOME COMPLEX SUBUNIT SEM1'
4 polymer 'NUCLEAR MRNA EXPORT PROTEIN SAC3'
#
loop_
_entity_poly.entity_id
_entity_poly.type
_entity_poly.pdbx_seq_one_letter_code
_entity_poly.pdbx_strand_id
1 'polypeptide(L)'
;MNTSFGSVVPSTNFNFFKGHGNNDNTSANSTVNNSNFFLNSNETKPSKNVFMVHSTSQKKSQQPLQNLSHSPSYTENKPD
KKKKYMINDAKTIQLVGPLISSPDNLGFQKRSHKARELPRFLINQEPQLEKRAFVQDPWDKANQEKMISLEESIDDLNEL
YETLKKMRNTERSIMEEKGLVDKADSAKDLYDAIVFQGTCLDMCPTFERSRRNVEYTVYSYEKNQPNDKKASRTKALKVF
ARPAAAAAPPLPSDVRPPHILVKTLDYIVDNLLTTLPESEGFLWDRMRSIRQDFTYQNYSGPEAVDCNERIVRIHLLILH
IMVKSNVEFSLQQELEQLHKSLITLSEIYDDVRSSGGTCPNEAEFRAYALLSKIRDPQYDENIQRLPKHIFQDKLVQMAL
CFRRVISNSAYTERGFVKTENCLNFYARFFQLMQSPSLPLLMGFFLQMHLTDIRFYALRALSHTLNKKHKPIPFIYLENM
LLFNNRQEIIEFCNYYSIEIINGDAADLKTLQHYSHKLSETQPLKKTYLTCLERRLQKTTYKGLINGGEDNLASSVYVKD
PKKDRIPSIADQSFLMENFQNNYNEKLNQNSSVKPQINTSPKRVATRPNHFPFSQESKQLPQISQSHTLSTNPLLTPQVH
GDLSEQKQQQIKTVTDGGSPFVFDQSAQNSTVEASKAHMISTTSNGAYDEKLSSEQEEMRKKEEQRIEEEKTQLKKKQEN
ADKQVITEQIANDLVKEVVNSSVISIVKREFSEANYRKDFIDTMTRELYDAFLHERLYLIYMDSRAELKRNSTLKKKFFE
KWQAS
;
A
2 'polypeptide(L)'
;MDMANQLLDELAHGNFSHLTLNLSQNGREIAILQKQLTGFDDKQLETFVEQHPAMPNDTRFKIMCTSFLNYARDVDPWSA
WSSSDLIFEFYQCLINCLINDNAPHIEMLIPVATRETEFIINLAGKLDSFHLQLHTRSHQFLSHISSILSRLFNSIKPPR
GNASSTNIPGKQRILLYLVNKLNNIYFRIESPQLCSNIFKNFQPKSMLAHFNEYQLDQQIEYRYLLGRYYLLNSQVHNAF
VQFNEAFQSLLNLPLTNQAITRNGTRILNYMIPTGLILGKMVKWGPLRPFLSQETIDNWSVLYKHVRYGNIQGVSLWLRQ
NERHLCARQLLIVLLEKLPMVTYRNLIKTVIKSWTTEWGQNKLPYSLIERVLQLSIGPTFEDPGAQEITIYNGIHSPKNV
ENVLVTLINLGLLRANCFPQLQLCVVKKTTMIQEIVPPVNERITKMFPAHSHVLW
;
B
3 'polypeptide(L)'
;MSTDVAAAQAQSKIDLTKKKNEEINKKSLEEDDEFEDFPIDTWANGETIKSNAVTQTNIWEENWDDVEVDDDFTNELKAE
LDRYKRENQ
;
C
4 'polypeptide(L)'
;(UNK)(UNK)(UNK)(UNK)(UNK)(UNK)(UNK)(UNK)(UNK)(UNK)(UNK)(UNK)(UNK)(UNK)(UNK)(UNK)
(UNK)(UNK)(UNK)(UNK)(UNK)(UNK)(UNK)(UNK)(UNK)(UNK)(UNK)(UNK)(UNK)(UNK)(UNK)(UNK)
(UNK)(UNK)(UNK)(UNK)(UNK)(UNK)(UNK)(UNK)(UNK)(UNK)(UNK)(UNK)(UNK)(UNK)(UNK)(UNK)
(UNK)(UNK)(UNK)(UNK)(UNK)(UNK)(UNK)(UNK)(UNK)(UNK)(UNK)(UNK)(UNK)(UNK)(UNK)(UNK)
(UNK)(UNK)(UNK)(UNK)(UNK)(UNK)(UNK)(UNK)(UNK)(UNK)(UNK)(UNK)(UNK)(UNK)(UNK)(UNK)
(UNK)(UNK)(UNK)(UNK)(UNK)(UNK)(UNK)(UNK)(UNK)(UNK)(UNK)(UNK)(UNK)(UNK)(UNK)(UNK)
(UNK)(UNK)(UNK)(UNK)(UNK)(UNK)(UNK)(UNK)(UNK)(UNK)(UNK)(UNK)(UNK)(UNK)(UNK)(UNK)
(UNK)(UNK)(UNK)(UNK)(UNK)(UNK)(UNK)(UNK)(UNK)(UNK)(UNK)(UNK)(UNK)(UNK)(UNK)(UNK)
(UNK)(UNK)(UNK)(UNK)(UNK)(UNK)(UNK)(UNK)(UNK)(UNK)(UNK)(UNK)(UNK)(UNK)(UNK)(UNK)
(UNK)(UNK)(UNK)(UNK)(UNK)(UNK)(UNK)(UNK)(UNK)(UNK)(UNK)(UNK)(UNK)(UNK)(UNK)(UNK)
(UNK)(UNK)(UNK)(UNK)(UNK)(UNK)(UNK)(UNK)(UNK)(UNK)(UNK)(UNK)(UNK)(UNK)(UNK)(UNK)
(UNK)(UNK)(UNK)(UNK)(UNK)(UNK)(UNK)(UNK)(UNK)(UNK)(UNK)(UNK)(UNK)(UNK)(UNK)(UNK)
(UNK)(UNK)(UNK)(UNK)(UNK)(UNK)(UNK)(UNK)(UNK)(UNK)(UNK)(UNK)(UNK)(UNK)(UNK)(UNK)
(UNK)(UNK)(UNK)(UNK)(UNK)(UNK)(UNK)(UNK)(UNK)(UNK)(UNK)(UNK)(UNK)(UNK)(UNK)(UNK)
(UNK)(UNK)(UNK)(UNK)(UNK)(UNK)(UNK)(UNK)(UNK)(UNK)(UNK)(UNK)(UNK)(UNK)(UNK)(UNK)
(UNK)(UNK)(UNK)(UNK)(UNK)(UNK)(UNK)(UNK)(UNK)(UNK)(UNK)(UNK)(UNK)(UNK)(UNK)(UNK)
(UNK)(UNK)(UNK)(UNK)(UNK)(UNK)(UNK)(UNK)(UNK)(UNK)(UNK)(UNK)(UNK)(UNK)(UNK)(UNK)
(UNK)(UNK)(UNK)(UNK)(UNK)(UNK)(UNK)(UNK)(UNK)(UNK)(UNK)(UNK)(UNK)(UNK)(UNK)(UNK)
(UNK)(UNK)(UNK)(UNK)(UNK)(UNK)(UNK)(UNK)(UNK)(UNK)(UNK)(UNK)(UNK)(UNK)(UNK)(UNK)
(UNK)(UNK)(UNK)(UNK)(UNK)(UNK)(UNK)(UNK)(UNK)(UNK)(UNK)(UNK)(UNK)(UNK)(UNK)(UNK)
(UNK)(UNK)(UNK)(UNK)(UNK)(UNK)(UNK)(UNK)(UNK)(UNK)(UNK)(UNK)(UNK)(UNK)(UNK)(UNK)
(UNK)(UNK)(UNK)(UNK)(UNK)(UNK)(UNK)(UNK)(UNK)(UNK)(UNK)(UNK)(UNK)(UNK)(UNK)(UNK)
(UNK)(UNK)(UNK)(UNK)(UNK)(UNK)(UNK)(UNK)(UNK)(UNK)(UNK)(UNK)(UNK)(UNK)(UNK)(UNK)
(UNK)(UNK)(UNK)(UNK)(UNK)(UNK)(UNK)(UNK)(UNK)(UNK)(UNK)(UNK)(UNK)(UNK)(UNK)(UNK)
(UNK)(UNK)(UNK)(UNK)(UNK)(UNK)(UNK)(UNK)(UNK)(UNK)(UNK)(UNK)(UNK)(UNK)(UNK)(UNK)
(UNK)(UNK)(UNK)(UNK)(UNK)(UNK)(UNK)(UNK)(UNK)(UNK)(UNK)(UNK)(UNK)(UNK)(UNK)(UNK)
(UNK)(UNK)(UNK)(UNK)(UNK)(UNK)(UNK)(UNK)(UNK)(UNK)(UNK)(UNK)(UNK)(UNK)(UNK)(UNK)
(UNK)(UNK)(UNK)(UNK)(UNK)(UNK)(UNK)(UNK)(UNK)(UNK)(UNK)(UNK)(UNK)(UNK)(UNK)(UNK)
(UNK)(UNK)(UNK)(UNK)(UNK)(UNK)(UNK)(UNK)(UNK)(UNK)(UNK)(UNK)(UNK)(UNK)(UNK)(UNK)
(UNK)(UNK)(UNK)(UNK)(UNK)(UNK)(UNK)(UNK)(UNK)(UNK)(UNK)(UNK)(UNK)(UNK)(UNK)(UNK)
(UNK)(UNK)(UNK)(UNK)(UNK)(UNK)(UNK)(UNK)(UNK)(UNK)(UNK)(UNK)(UNK)(UNK)(UNK)(UNK)
(UNK)(UNK)(UNK)(UNK)(UNK)(UNK)(UNK)(UNK)(UNK)(UNK)(UNK)(UNK)(UNK)(UNK)(UNK)(UNK)
(UNK)(UNK)(UNK)(UNK)(UNK)(UNK)(UNK)(UNK)(UNK)(UNK)(UNK)(UNK)(UNK)(UNK)(UNK)(UNK)
(UNK)(UNK)(UNK)(UNK)(UNK)(UNK)(UNK)(UNK)(UNK)(UNK)(UNK)(UNK)(UNK)(UNK)(UNK)(UNK)
(UNK)(UNK)(UNK)(UNK)(UNK)(UNK)(UNK)(UNK)(UNK)(UNK)(UNK)(UNK)(UNK)(UNK)(UNK)(UNK)
(UNK)(UNK)(UNK)(UNK)(UNK)(UNK)(UNK)(UNK)(UNK)(UNK)(UNK)(UNK)(UNK)(UNK)(UNK)(UNK)
(UNK)(UNK)(UNK)(UNK)(UNK)(UNK)(UNK)(UNK)(UNK)(UNK)(UNK)(UNK)(UNK)(UNK)(UNK)(UNK)
(UNK)(UNK)(UNK)(UNK)(UNK)(UNK)(UNK)(UNK)(UNK)(UNK)(UNK)(UNK)(UNK)(UNK)(UNK)(UNK)
(UNK)(UNK)(UNK)(UNK)(UNK)(UNK)(UNK)(UNK)(UNK)(UNK)(UNK)(UNK)(UNK)(UNK)(UNK)(UNK)
(UNK)(UNK)(UNK)(UNK)(UNK)(UNK)(UNK)(UNK)(UNK)(UNK)(UNK)(UNK)(UNK)(UNK)(UNK)(UNK)
(UNK)(UNK)(UNK)(UNK)(UNK)(UNK)(UNK)(UNK)(UNK)(UNK)(UNK)(UNK)(UNK)(UNK)(UNK)(UNK)
(UNK)(UNK)(UNK)(UNK)(UNK)(UNK)(UNK)(UNK)(UNK)(UNK)(UNK)(UNK)(UNK)(UNK)(UNK)(UNK)
(UNK)(UNK)(UNK)(UNK)(UNK)(UNK)(UNK)(UNK)(UNK)(UNK)(UNK)(UNK)(UNK)(UNK)(UNK)(UNK)
(UNK)(UNK)(UNK)(UNK)(UNK)(UNK)(UNK)(UNK)(UNK)(UNK)(UNK)(UNK)(UNK)(UNK)(UNK)(UNK)
(UNK)(UNK)(UNK)(UNK)(UNK)(UNK)(UNK)(UNK)(UNK)(UNK)(UNK)(UNK)(UNK)(UNK)(UNK)(UNK)
(UNK)(UNK)(UNK)(UNK)(UNK)(UNK)(UNK)(UNK)(UNK)(UNK)(UNK)(UNK)(UNK)(UNK)(UNK)(UNK)
(UNK)(UNK)(UNK)(UNK)(UNK)(UNK)(UNK)(UNK)(UNK)(UNK)(UNK)(UNK)(UNK)(UNK)(UNK)(UNK)
(UNK)(UNK)(UNK)(UNK)(UNK)(UNK)(UNK)(UNK)(UNK)(UNK)(UNK)(UNK)(UNK)(UNK)(UNK)(UNK)
(UNK)(UNK)(UNK)(UNK)(UNK)(UNK)(UNK)(UNK)(UNK)(UNK)(UNK)(UNK)(UNK)(UNK)(UNK)(UNK)
(UNK)(UNK)(UNK)(UNK)(UNK)(UNK)(UNK)(UNK)(UNK)(UNK)(UNK)(UNK)(UNK)(UNK)(UNK)(UNK)
(UNK)(UNK)(UNK)(UNK)(UNK)
;
D,E,F
#
# COMPACT_ATOMS: atom_id res chain seq x y z
N ASP A 254 4.76 39.09 -4.87
CA ASP A 254 3.43 38.57 -4.58
C ASP A 254 3.49 37.33 -3.71
N VAL A 255 4.63 36.65 -3.76
CA VAL A 255 4.84 35.38 -3.08
C VAL A 255 5.92 35.57 -2.02
N ARG A 256 5.77 34.88 -0.88
CA ARG A 256 6.67 34.87 0.27
C ARG A 256 7.84 33.92 0.00
N PRO A 257 9.08 34.34 0.21
CA PRO A 257 10.19 33.40 0.19
C PRO A 257 10.09 32.46 1.39
N PRO A 258 10.87 31.38 1.41
CA PRO A 258 10.75 30.39 2.49
C PRO A 258 10.91 30.97 3.89
N HIS A 259 11.88 31.86 4.11
CA HIS A 259 12.14 32.31 5.47
C HIS A 259 10.99 33.16 6.03
N ILE A 260 10.30 33.93 5.18
CA ILE A 260 9.13 34.67 5.67
C ILE A 260 7.88 33.79 5.70
N LEU A 261 7.87 32.67 4.97
CA LEU A 261 6.82 31.70 5.22
C LEU A 261 6.99 31.08 6.60
N VAL A 262 8.24 30.83 6.98
CA VAL A 262 8.53 30.39 8.35
C VAL A 262 8.13 31.47 9.35
N LYS A 263 8.44 32.73 9.03
CA LYS A 263 8.06 33.84 9.91
C LYS A 263 6.55 33.92 10.07
N THR A 264 5.82 33.66 8.98
CA THR A 264 4.36 33.75 9.01
C THR A 264 3.76 32.62 9.82
N LEU A 265 4.22 31.39 9.59
CA LEU A 265 3.72 30.28 10.39
C LEU A 265 4.08 30.43 11.86
N ASP A 266 5.26 30.98 12.14
CA ASP A 266 5.59 31.34 13.52
C ASP A 266 4.56 32.32 14.07
N TYR A 267 4.22 33.35 13.29
CA TYR A 267 3.18 34.29 13.70
C TYR A 267 1.88 33.58 14.05
N ILE A 268 1.49 32.58 13.23
CA ILE A 268 0.24 31.86 13.47
C ILE A 268 0.33 31.03 14.75
N VAL A 269 1.38 30.22 14.87
CA VAL A 269 1.56 29.36 16.05
C VAL A 269 1.57 30.21 17.31
N ASP A 270 2.12 31.41 17.21
CA ASP A 270 2.31 32.27 18.37
C ASP A 270 1.10 33.12 18.69
N ASN A 271 0.18 33.33 17.76
CA ASN A 271 -0.85 34.34 17.99
C ASN A 271 -2.27 33.83 17.77
N LEU A 272 -2.46 32.92 16.83
CA LEU A 272 -3.79 32.62 16.33
C LEU A 272 -4.27 31.22 16.66
N LEU A 273 -3.41 30.36 17.23
CA LEU A 273 -3.86 29.04 17.63
C LEU A 273 -4.96 29.12 18.68
N THR A 274 -4.81 30.02 19.64
CA THR A 274 -5.77 30.11 20.74
C THR A 274 -7.01 30.90 20.37
N THR A 275 -7.05 31.52 19.18
CA THR A 275 -8.29 32.10 18.68
C THR A 275 -9.25 31.04 18.16
N LEU A 276 -8.79 29.82 17.96
CA LEU A 276 -9.65 28.69 17.64
C LEU A 276 -10.66 28.48 18.78
N PRO A 277 -11.86 27.99 18.45
CA PRO A 277 -12.35 27.52 17.15
C PRO A 277 -12.86 28.61 16.22
N GLU A 278 -12.96 29.84 16.73
CA GLU A 278 -13.59 30.91 15.95
C GLU A 278 -12.80 31.25 14.69
N SER A 279 -11.48 31.08 14.72
CA SER A 279 -10.62 31.47 13.61
C SER A 279 -10.25 30.28 12.72
N GLU A 280 -11.08 29.23 12.70
CA GLU A 280 -10.72 28.02 11.97
C GLU A 280 -10.63 28.27 10.47
N GLY A 281 -11.62 28.97 9.91
CA GLY A 281 -11.57 29.24 8.48
C GLY A 281 -10.41 30.13 8.09
N PHE A 282 -10.19 31.20 8.86
CA PHE A 282 -9.06 32.09 8.63
C PHE A 282 -7.75 31.31 8.64
N LEU A 283 -7.52 30.51 9.69
CA LEU A 283 -6.25 29.79 9.81
C LEU A 283 -6.08 28.76 8.71
N TRP A 284 -7.14 28.01 8.39
CA TRP A 284 -7.04 27.01 7.34
C TRP A 284 -6.72 27.64 6.00
N ASP A 285 -7.41 28.73 5.65
CA ASP A 285 -7.14 29.42 4.40
C ASP A 285 -5.70 29.93 4.35
N ARG A 286 -5.25 30.57 5.44
CA ARG A 286 -3.92 31.17 5.42
C ARG A 286 -2.80 30.12 5.39
N MET A 287 -2.94 29.06 6.17
CA MET A 287 -1.97 27.97 6.10
C MET A 287 -1.91 27.37 4.69
N ARG A 288 -3.08 27.12 4.11
CA ARG A 288 -3.12 26.68 2.72
C ARG A 288 -2.39 27.67 1.81
N SER A 289 -2.47 28.96 2.12
CA SER A 289 -1.76 29.97 1.33
C SER A 289 -0.25 29.84 1.51
N ILE A 290 0.20 29.50 2.72
CA ILE A 290 1.63 29.29 2.95
C ILE A 290 2.13 28.13 2.09
N ARG A 291 1.46 26.98 2.19
CA ARG A 291 1.86 25.82 1.38
C ARG A 291 1.84 26.16 -0.11
N GLN A 292 0.81 26.90 -0.55
CA GLN A 292 0.73 27.28 -1.96
C GLN A 292 1.89 28.17 -2.37
N ASP A 293 2.32 29.08 -1.48
CA ASP A 293 3.51 29.87 -1.74
C ASP A 293 4.75 29.00 -1.85
N PHE A 294 4.82 27.90 -1.09
CA PHE A 294 5.94 26.99 -1.28
C PHE A 294 5.88 26.32 -2.65
N THR A 295 4.67 25.96 -3.11
CA THR A 295 4.56 25.32 -4.41
C THR A 295 4.84 26.30 -5.54
N TYR A 296 4.59 27.58 -5.33
CA TYR A 296 4.82 28.59 -6.36
C TYR A 296 6.30 28.69 -6.73
N GLN A 297 7.18 28.42 -5.77
CA GLN A 297 8.62 28.57 -5.95
C GLN A 297 9.33 27.24 -6.16
N ASN A 298 8.58 26.14 -6.25
CA ASN A 298 9.15 24.80 -6.45
C ASN A 298 10.19 24.50 -5.37
N TYR A 299 9.83 24.79 -4.12
CA TYR A 299 10.75 24.74 -3.00
C TYR A 299 10.35 23.61 -2.05
N SER A 300 11.23 22.62 -1.92
CA SER A 300 11.05 21.52 -0.98
C SER A 300 12.17 21.53 0.07
N GLY A 301 12.72 22.71 0.35
CA GLY A 301 13.79 22.84 1.30
C GLY A 301 13.34 22.68 2.75
N PRO A 302 14.25 22.90 3.69
CA PRO A 302 13.90 22.73 5.10
C PRO A 302 12.73 23.59 5.57
N GLU A 303 12.56 24.78 4.99
CA GLU A 303 11.44 25.63 5.39
C GLU A 303 10.11 25.02 4.99
N ALA A 304 10.04 24.41 3.80
CA ALA A 304 8.81 23.77 3.38
C ALA A 304 8.48 22.57 4.26
N VAL A 305 9.51 21.81 4.67
CA VAL A 305 9.29 20.67 5.56
C VAL A 305 8.77 21.15 6.90
N ASP A 306 9.46 22.13 7.50
CA ASP A 306 9.04 22.66 8.80
C ASP A 306 7.61 23.19 8.75
N CYS A 307 7.31 23.98 7.72
CA CYS A 307 5.99 24.59 7.60
C CYS A 307 4.90 23.54 7.40
N ASN A 308 5.12 22.60 6.48
CA ASN A 308 4.11 21.56 6.27
C ASN A 308 3.93 20.70 7.51
N GLU A 309 5.00 20.45 8.25
CA GLU A 309 4.92 19.65 9.47
C GLU A 309 4.06 20.35 10.53
N ARG A 310 4.45 21.57 10.90
CA ARG A 310 3.68 22.28 11.92
C ARG A 310 2.26 22.57 11.45
N ILE A 311 2.05 22.76 10.15
CA ILE A 311 0.70 22.97 9.62
C ILE A 311 -0.13 21.70 9.78
N VAL A 312 0.49 20.53 9.52
CA VAL A 312 -0.18 19.26 9.77
C VAL A 312 -0.59 19.17 11.24
N ARG A 313 0.33 19.50 12.15
CA ARG A 313 0.00 19.47 13.57
C ARG A 313 -1.16 20.41 13.90
N ILE A 314 -1.19 21.59 13.29
CA ILE A 314 -2.28 22.53 13.52
C ILE A 314 -3.60 21.95 13.02
N HIS A 315 -3.57 21.26 11.88
CA HIS A 315 -4.76 20.56 11.40
C HIS A 315 -5.24 19.54 12.43
N LEU A 316 -4.30 18.77 12.98
CA LEU A 316 -4.66 17.75 13.97
C LEU A 316 -5.30 18.39 15.20
N LEU A 317 -4.76 19.54 15.65
CA LEU A 317 -5.36 20.22 16.79
C LEU A 317 -6.74 20.76 16.45
N ILE A 318 -6.91 21.28 15.23
CA ILE A 318 -8.20 21.81 14.79
C ILE A 318 -9.25 20.70 14.78
N LEU A 319 -8.86 19.49 14.37
CA LEU A 319 -9.80 18.37 14.35
C LEU A 319 -10.45 18.17 15.71
N HIS A 320 -9.67 18.25 16.78
CA HIS A 320 -10.23 18.05 18.12
C HIS A 320 -10.96 19.31 18.61
N ILE A 321 -10.43 20.50 18.29
CA ILE A 321 -11.04 21.71 18.82
C ILE A 321 -12.42 21.93 18.22
N MET A 322 -12.57 21.74 16.90
CA MET A 322 -13.85 21.97 16.26
C MET A 322 -14.91 20.97 16.72
N VAL A 323 -14.50 19.76 17.07
CA VAL A 323 -15.44 18.72 17.48
C VAL A 323 -15.80 18.82 18.95
N LYS A 324 -14.83 19.23 19.79
CA LYS A 324 -15.13 19.46 21.20
C LYS A 324 -16.21 20.52 21.35
N SER A 325 -16.09 21.61 20.60
CA SER A 325 -17.17 22.58 20.48
C SER A 325 -18.17 22.10 19.44
N ASN A 326 -19.25 22.87 19.27
CA ASN A 326 -20.24 22.55 18.26
C ASN A 326 -20.25 23.59 17.16
N VAL A 327 -19.08 23.89 16.60
CA VAL A 327 -18.93 25.01 15.68
C VAL A 327 -19.14 24.58 14.24
N GLU A 328 -18.42 23.56 13.78
CA GLU A 328 -18.34 23.29 12.35
C GLU A 328 -18.97 21.98 11.92
N PHE A 329 -18.81 20.92 12.72
CA PHE A 329 -19.35 19.58 12.46
C PHE A 329 -18.65 18.85 11.32
N SER A 330 -18.59 19.47 10.14
CA SER A 330 -18.03 18.84 8.95
C SER A 330 -16.59 19.27 8.75
N LEU A 331 -15.67 18.33 8.85
CA LEU A 331 -14.24 18.58 8.71
C LEU A 331 -13.70 18.06 7.38
N GLN A 332 -14.48 18.19 6.31
CA GLN A 332 -14.05 17.67 5.02
C GLN A 332 -12.85 18.43 4.48
N GLN A 333 -12.94 19.76 4.45
CA GLN A 333 -11.82 20.56 3.94
C GLN A 333 -10.59 20.41 4.82
N GLU A 334 -10.77 20.36 6.14
CA GLU A 334 -9.64 20.17 7.04
C GLU A 334 -8.92 18.86 6.75
N LEU A 335 -9.67 17.76 6.62
CA LEU A 335 -9.04 16.48 6.33
C LEU A 335 -8.43 16.45 4.93
N GLU A 336 -9.03 17.16 3.98
CA GLU A 336 -8.49 17.20 2.63
C GLU A 336 -7.14 17.92 2.61
N GLN A 337 -7.06 19.10 3.23
CA GLN A 337 -5.81 19.84 3.20
C GLN A 337 -4.75 19.20 4.11
N LEU A 338 -5.20 18.61 5.22
CA LEU A 338 -4.28 17.83 6.05
C LEU A 338 -3.67 16.68 5.25
N HIS A 339 -4.51 15.96 4.50
CA HIS A 339 -4.03 14.85 3.69
C HIS A 339 -3.08 15.34 2.60
N LYS A 340 -3.41 16.44 1.92
CA LYS A 340 -2.53 16.94 0.87
C LYS A 340 -1.20 17.40 1.44
N SER A 341 -1.22 17.99 2.64
CA SER A 341 0.03 18.36 3.30
C SER A 341 0.85 17.14 3.67
N LEU A 342 0.19 16.07 4.11
CA LEU A 342 0.91 14.84 4.41
C LEU A 342 1.52 14.23 3.14
N ILE A 343 0.81 14.35 2.01
CA ILE A 343 1.36 13.88 0.74
C ILE A 343 2.58 14.69 0.35
N THR A 344 2.50 16.02 0.48
CA THR A 344 3.66 16.87 0.22
C THR A 344 4.84 16.46 1.09
N LEU A 345 4.61 16.28 2.39
CA LEU A 345 5.69 15.88 3.29
C LEU A 345 6.27 14.54 2.88
N SER A 346 5.43 13.60 2.47
CA SER A 346 5.94 12.29 2.06
C SER A 346 6.83 12.41 0.83
N GLU A 347 6.38 13.18 -0.17
CA GLU A 347 7.19 13.36 -1.38
C GLU A 347 8.53 14.03 -1.06
N ILE A 348 8.51 15.04 -0.19
CA ILE A 348 9.76 15.71 0.18
C ILE A 348 10.67 14.76 0.93
N TYR A 349 10.11 13.93 1.81
CA TYR A 349 10.91 12.92 2.49
C TYR A 349 11.56 11.96 1.50
N ASP A 350 10.82 11.58 0.44
CA ASP A 350 11.39 10.72 -0.58
C ASP A 350 12.55 11.41 -1.30
N ASP A 351 12.37 12.69 -1.66
CA ASP A 351 13.43 13.39 -2.38
C ASP A 351 14.66 13.60 -1.50
N VAL A 352 14.45 13.84 -0.20
CA VAL A 352 15.57 14.03 0.72
C VAL A 352 16.31 12.73 0.93
N ARG A 353 15.59 11.62 1.05
CA ARG A 353 16.24 10.33 1.17
C ARG A 353 17.02 9.98 -0.11
N SER A 354 16.45 10.31 -1.28
CA SER A 354 17.13 10.04 -2.53
C SER A 354 18.41 10.86 -2.66
N SER A 355 18.45 12.03 -2.04
CA SER A 355 19.63 12.89 -2.07
C SER A 355 20.63 12.58 -0.98
N GLY A 356 20.36 11.58 -0.14
CA GLY A 356 21.26 11.20 0.93
C GLY A 356 21.06 11.93 2.24
N GLY A 357 20.12 12.88 2.29
CA GLY A 357 19.85 13.60 3.52
C GLY A 357 18.83 12.88 4.39
N THR A 358 18.54 13.50 5.53
CA THR A 358 17.58 12.96 6.49
C THR A 358 16.71 14.10 7.02
N CYS A 359 15.53 13.73 7.49
CA CYS A 359 14.61 14.67 8.14
C CYS A 359 14.28 14.14 9.54
N PRO A 360 14.54 14.91 10.60
CA PRO A 360 14.42 14.34 11.95
C PRO A 360 12.99 14.00 12.35
N ASN A 361 12.00 14.69 11.82
CA ASN A 361 10.59 14.45 12.17
C ASN A 361 9.87 13.57 11.18
N GLU A 362 10.59 12.86 10.30
CA GLU A 362 9.94 12.10 9.25
C GLU A 362 9.04 11.02 9.82
N ALA A 363 9.49 10.31 10.86
CA ALA A 363 8.73 9.18 11.37
C ALA A 363 7.36 9.59 11.87
N GLU A 364 7.29 10.72 12.60
CA GLU A 364 6.03 11.22 13.13
C GLU A 364 4.98 11.39 12.04
N PHE A 365 5.38 11.98 10.92
CA PHE A 365 4.46 12.29 9.84
C PHE A 365 4.27 11.15 8.87
N ARG A 366 5.16 10.16 8.90
CA ARG A 366 4.82 8.86 8.30
C ARG A 366 3.71 8.19 9.09
N ALA A 367 3.71 8.36 10.41
CA ALA A 367 2.60 7.83 11.22
C ALA A 367 1.30 8.57 10.90
N TYR A 368 1.34 9.90 10.93
CA TYR A 368 0.16 10.68 10.55
C TYR A 368 -0.34 10.27 9.16
N ALA A 369 0.60 10.09 8.22
CA ALA A 369 0.22 9.63 6.88
C ALA A 369 -0.43 8.26 6.93
N LEU A 370 0.07 7.37 7.79
CA LEU A 370 -0.56 6.08 7.98
C LEU A 370 -1.97 6.22 8.57
N LEU A 371 -2.26 7.33 9.23
CA LEU A 371 -3.60 7.55 9.79
C LEU A 371 -4.50 8.38 8.89
N SER A 372 -3.99 8.96 7.81
CA SER A 372 -4.84 9.76 6.94
C SER A 372 -5.88 8.90 6.24
N LYS A 373 -5.45 7.81 5.60
CA LYS A 373 -6.33 6.83 4.96
C LYS A 373 -6.08 5.49 5.66
N ILE A 374 -6.79 5.29 6.79
CA ILE A 374 -6.46 4.21 7.70
C ILE A 374 -6.81 2.83 7.17
N ARG A 375 -7.58 2.74 6.09
CA ARG A 375 -7.94 1.46 5.50
C ARG A 375 -7.37 1.29 4.10
N ASP A 376 -6.54 2.22 3.64
CA ASP A 376 -5.91 2.11 2.33
C ASP A 376 -4.65 1.26 2.44
N PRO A 377 -4.58 0.10 1.77
CA PRO A 377 -3.35 -0.71 1.83
C PRO A 377 -2.15 -0.04 1.17
N GLN A 378 -2.38 1.03 0.41
CA GLN A 378 -1.28 1.73 -0.24
C GLN A 378 -0.24 2.22 0.77
N TYR A 379 -0.71 2.66 1.94
CA TYR A 379 0.20 3.25 2.92
C TYR A 379 0.94 2.18 3.71
N ASP A 380 0.34 1.00 3.88
CA ASP A 380 1.12 -0.14 4.36
C ASP A 380 2.22 -0.49 3.36
N GLU A 381 1.87 -0.55 2.07
CA GLU A 381 2.87 -0.80 1.03
C GLU A 381 4.00 0.23 1.11
N ASN A 382 3.66 1.50 1.24
CA ASN A 382 4.69 2.53 1.28
C ASN A 382 5.51 2.45 2.55
N ILE A 383 4.88 2.13 3.68
CA ILE A 383 5.60 2.10 4.93
C ILE A 383 6.54 0.89 5.00
N GLN A 384 6.25 -0.17 4.25
CA GLN A 384 7.10 -1.35 4.33
C GLN A 384 8.41 -1.22 3.56
N ARG A 385 8.53 -0.24 2.67
CA ARG A 385 9.77 -0.05 1.90
C ARG A 385 10.63 1.08 2.44
N LEU A 386 10.24 1.72 3.53
CA LEU A 386 11.02 2.76 4.16
C LEU A 386 12.13 2.15 5.01
N PRO A 387 13.14 2.94 5.41
CA PRO A 387 14.21 2.40 6.25
C PRO A 387 13.70 1.83 7.56
N LYS A 388 14.55 1.02 8.19
CA LYS A 388 14.17 0.32 9.42
C LYS A 388 13.96 1.28 10.58
N HIS A 389 14.73 2.38 10.63
CA HIS A 389 14.58 3.32 11.73
C HIS A 389 13.28 4.11 11.62
N ILE A 390 12.78 4.29 10.40
CA ILE A 390 11.47 4.89 10.21
C ILE A 390 10.38 3.88 10.55
N PHE A 391 10.54 2.64 10.07
CA PHE A 391 9.52 1.62 10.28
C PHE A 391 9.40 1.25 11.75
N GLN A 392 10.53 1.03 12.43
CA GLN A 392 10.53 0.61 13.82
C GLN A 392 10.37 1.76 14.81
N ASP A 393 10.12 2.98 14.32
CA ASP A 393 9.91 4.10 15.22
C ASP A 393 8.61 3.92 16.00
N LYS A 394 8.63 4.30 17.28
CA LYS A 394 7.49 4.04 18.16
C LYS A 394 6.21 4.69 17.63
N LEU A 395 6.33 5.82 16.93
CA LEU A 395 5.15 6.49 16.39
C LEU A 395 4.58 5.70 15.22
N VAL A 396 5.45 5.25 14.31
CA VAL A 396 5.01 4.42 13.19
C VAL A 396 4.47 3.09 13.69
N GLN A 397 5.12 2.52 14.71
CA GLN A 397 4.60 1.29 15.31
C GLN A 397 3.21 1.49 15.88
N MET A 398 2.99 2.63 16.55
CA MET A 398 1.67 2.94 17.10
C MET A 398 0.64 3.03 15.98
N ALA A 399 0.93 3.81 14.94
CA ALA A 399 -0.01 3.96 13.84
C ALA A 399 -0.31 2.62 13.19
N LEU A 400 0.72 1.77 13.04
CA LEU A 400 0.50 0.45 12.48
C LEU A 400 -0.43 -0.38 13.34
N CYS A 401 -0.20 -0.37 14.67
CA CYS A 401 -1.10 -1.07 15.58
C CYS A 401 -2.55 -0.60 15.42
N PHE A 402 -2.75 0.72 15.28
CA PHE A 402 -4.10 1.22 15.07
C PHE A 402 -4.68 0.74 13.75
N ARG A 403 -3.86 0.71 12.69
CA ARG A 403 -4.34 0.20 11.40
C ARG A 403 -4.72 -1.27 11.49
N ARG A 404 -4.02 -2.04 12.33
CA ARG A 404 -4.38 -3.45 12.46
C ARG A 404 -5.66 -3.63 13.25
N VAL A 405 -5.79 -2.95 14.39
CA VAL A 405 -6.98 -3.12 15.22
C VAL A 405 -8.22 -2.52 14.57
N ILE A 406 -8.05 -1.58 13.64
CA ILE A 406 -9.21 -0.97 13.01
C ILE A 406 -9.69 -1.80 11.81
N SER A 407 -8.80 -2.58 11.20
CA SER A 407 -9.16 -3.40 10.04
C SER A 407 -10.35 -4.30 10.36
N ASN A 408 -11.29 -4.37 9.43
CA ASN A 408 -12.53 -5.12 9.63
C ASN A 408 -12.91 -5.77 8.30
N SER A 409 -13.07 -7.10 8.32
CA SER A 409 -13.48 -7.83 7.12
C SER A 409 -14.92 -7.53 6.71
N ALA A 410 -15.71 -6.90 7.59
CA ALA A 410 -17.09 -6.57 7.29
C ALA A 410 -17.29 -5.09 7.03
N TYR A 411 -16.21 -4.33 6.87
CA TYR A 411 -16.33 -2.91 6.56
C TYR A 411 -17.03 -2.73 5.22
N THR A 412 -18.14 -1.98 5.23
CA THR A 412 -19.01 -1.84 4.07
C THR A 412 -19.04 -0.40 3.63
N GLU A 413 -18.67 -0.16 2.37
CA GLU A 413 -18.70 1.16 1.75
C GLU A 413 -18.54 0.98 0.25
N ARG A 414 -19.28 1.78 -0.52
CA ARG A 414 -19.24 1.66 -1.98
C ARG A 414 -17.83 1.93 -2.49
N GLY A 415 -17.23 0.93 -3.11
CA GLY A 415 -15.89 1.05 -3.65
C GLY A 415 -14.80 0.48 -2.77
N PHE A 416 -15.12 -0.25 -1.71
CA PHE A 416 -14.14 -0.77 -0.78
C PHE A 416 -14.18 -2.29 -0.82
N VAL A 417 -13.07 -2.89 -1.17
CA VAL A 417 -12.96 -4.35 -1.24
C VAL A 417 -12.58 -4.88 0.13
N LYS A 418 -13.40 -5.79 0.66
CA LYS A 418 -13.13 -6.37 1.95
C LYS A 418 -11.96 -7.36 1.86
N THR A 419 -11.12 -7.35 2.89
CA THR A 419 -9.96 -8.22 2.96
C THR A 419 -10.16 -9.28 4.03
N GLU A 420 -9.36 -10.34 3.94
CA GLU A 420 -9.56 -11.53 4.75
C GLU A 420 -8.95 -11.37 6.13
N ASN A 421 -9.55 -12.07 7.10
CA ASN A 421 -8.97 -12.29 8.43
C ASN A 421 -8.61 -10.99 9.15
N CYS A 422 -9.37 -9.92 8.93
CA CYS A 422 -9.15 -8.70 9.67
C CYS A 422 -9.54 -8.89 11.13
N LEU A 423 -8.96 -8.05 11.99
CA LEU A 423 -9.07 -8.21 13.44
C LEU A 423 -10.35 -7.61 14.02
N ASN A 424 -10.69 -6.38 13.61
CA ASN A 424 -11.80 -5.64 14.20
C ASN A 424 -11.67 -5.59 15.72
N PHE A 425 -10.47 -5.26 16.18
CA PHE A 425 -10.16 -5.18 17.61
C PHE A 425 -10.57 -3.81 18.13
N TYR A 426 -11.88 -3.65 18.32
CA TYR A 426 -12.40 -2.39 18.86
C TYR A 426 -11.96 -2.19 20.30
N ALA A 427 -12.01 -3.26 21.10
CA ALA A 427 -11.58 -3.17 22.50
C ALA A 427 -10.13 -2.74 22.59
N ARG A 428 -9.25 -3.32 21.77
CA ARG A 428 -7.86 -2.90 21.77
C ARG A 428 -7.71 -1.47 21.29
N PHE A 429 -8.55 -1.05 20.33
CA PHE A 429 -8.51 0.35 19.89
C PHE A 429 -8.79 1.29 21.06
N PHE A 430 -9.87 1.05 21.79
CA PHE A 430 -10.18 1.93 22.92
C PHE A 430 -9.22 1.74 24.08
N GLN A 431 -8.49 0.62 24.13
CA GLN A 431 -7.42 0.50 25.10
C GLN A 431 -6.23 1.39 24.73
N LEU A 432 -5.89 1.42 23.44
CA LEU A 432 -4.75 2.23 23.01
C LEU A 432 -5.08 3.72 23.02
N MET A 433 -6.34 4.08 22.80
CA MET A 433 -6.72 5.49 22.80
C MET A 433 -6.55 6.11 24.19
N GLN A 434 -6.63 5.29 25.25
CA GLN A 434 -6.46 5.74 26.62
C GLN A 434 -5.01 5.69 27.09
N SER A 435 -4.10 5.19 26.27
CA SER A 435 -2.71 5.03 26.68
C SER A 435 -2.06 6.39 26.88
N PRO A 436 -1.40 6.63 28.01
CA PRO A 436 -0.67 7.90 28.17
C PRO A 436 0.52 8.02 27.23
N SER A 437 1.00 6.91 26.66
CA SER A 437 2.06 6.94 25.68
C SER A 437 1.57 7.33 24.29
N LEU A 438 0.26 7.38 24.09
CA LEU A 438 -0.29 7.79 22.80
C LEU A 438 -0.06 9.28 22.60
N PRO A 439 0.65 9.69 21.55
CA PRO A 439 0.80 11.13 21.27
C PRO A 439 -0.56 11.77 21.04
N LEU A 440 -0.73 12.97 21.60
CA LEU A 440 -2.06 13.58 21.67
C LEU A 440 -2.60 13.92 20.29
N LEU A 441 -1.75 14.45 19.41
CA LEU A 441 -2.21 14.80 18.07
C LEU A 441 -2.60 13.55 17.27
N MET A 442 -1.83 12.47 17.43
CA MET A 442 -2.21 11.20 16.82
C MET A 442 -3.57 10.74 17.30
N GLY A 443 -3.82 10.83 18.61
CA GLY A 443 -5.15 10.55 19.13
C GLY A 443 -6.21 11.40 18.47
N PHE A 444 -5.98 12.72 18.38
CA PHE A 444 -6.91 13.61 17.68
C PHE A 444 -7.20 13.10 16.26
N PHE A 445 -6.18 12.61 15.57
CA PHE A 445 -6.41 12.05 14.23
C PHE A 445 -7.27 10.80 14.30
N LEU A 446 -7.05 9.96 15.31
CA LEU A 446 -7.80 8.70 15.39
C LEU A 446 -9.24 8.90 15.86
N GLN A 447 -9.55 10.05 16.47
CA GLN A 447 -10.91 10.30 16.91
C GLN A 447 -11.89 10.41 15.74
N MET A 448 -11.38 10.55 14.51
CA MET A 448 -12.24 10.64 13.35
C MET A 448 -12.99 9.34 13.07
N HIS A 449 -12.53 8.21 13.61
CA HIS A 449 -13.09 6.92 13.31
C HIS A 449 -13.87 6.32 14.47
N LEU A 450 -14.18 7.12 15.50
CA LEU A 450 -14.90 6.61 16.66
C LEU A 450 -16.26 6.04 16.26
N THR A 451 -17.01 6.77 15.45
CA THR A 451 -18.35 6.33 15.07
C THR A 451 -18.30 5.05 14.25
N ASP A 452 -17.38 4.97 13.28
CA ASP A 452 -17.27 3.76 12.47
C ASP A 452 -16.89 2.56 13.31
N ILE A 453 -15.86 2.70 14.14
CA ILE A 453 -15.39 1.60 14.97
C ILE A 453 -16.49 1.14 15.92
N ARG A 454 -17.24 2.08 16.49
CA ARG A 454 -18.34 1.70 17.38
C ARG A 454 -19.45 0.99 16.63
N PHE A 455 -19.79 1.47 15.44
CA PHE A 455 -20.83 0.82 14.63
C PHE A 455 -20.44 -0.62 14.33
N TYR A 456 -19.25 -0.84 13.78
CA TYR A 456 -18.87 -2.20 13.42
C TYR A 456 -18.62 -3.08 14.63
N ALA A 457 -18.29 -2.47 15.78
CA ALA A 457 -18.23 -3.23 17.02
C ALA A 457 -19.62 -3.76 17.40
N LEU A 458 -20.63 -2.89 17.36
CA LEU A 458 -21.97 -3.33 17.72
C LEU A 458 -22.55 -4.29 16.70
N ARG A 459 -22.18 -4.13 15.42
CA ARG A 459 -22.62 -5.05 14.39
C ARG A 459 -22.02 -6.44 14.61
N ALA A 460 -20.69 -6.50 14.72
CA ALA A 460 -20.02 -7.77 14.94
C ALA A 460 -20.50 -8.44 16.22
N LEU A 461 -20.73 -7.66 17.28
CA LEU A 461 -21.25 -8.25 18.52
C LEU A 461 -22.67 -8.75 18.33
N SER A 462 -23.49 -8.01 17.57
CA SER A 462 -24.88 -8.43 17.36
C SER A 462 -24.97 -9.73 16.59
N HIS A 463 -24.01 -9.99 15.68
CA HIS A 463 -24.06 -11.25 14.95
C HIS A 463 -23.80 -12.46 15.84
N THR A 464 -23.27 -12.27 17.04
CA THR A 464 -22.97 -13.38 17.93
C THR A 464 -24.08 -13.69 18.93
N LEU A 465 -25.07 -12.81 19.05
CA LEU A 465 -26.16 -13.00 20.00
C LEU A 465 -27.27 -13.82 19.37
N ASN A 466 -27.83 -14.75 20.16
CA ASN A 466 -28.96 -15.52 19.68
C ASN A 466 -30.18 -14.64 19.54
N LYS A 467 -31.24 -15.20 18.95
CA LYS A 467 -32.43 -14.40 18.63
C LYS A 467 -33.11 -13.87 19.88
N LYS A 468 -33.24 -14.70 20.92
CA LYS A 468 -33.94 -14.33 22.14
C LYS A 468 -33.02 -13.75 23.20
N HIS A 469 -31.84 -13.26 22.81
CA HIS A 469 -30.94 -12.67 23.79
C HIS A 469 -31.44 -11.31 24.23
N LYS A 470 -31.28 -11.02 25.52
CA LYS A 470 -31.74 -9.76 26.08
C LYS A 470 -30.95 -8.59 25.50
N PRO A 471 -31.52 -7.39 25.53
CA PRO A 471 -30.77 -6.21 25.08
C PRO A 471 -29.52 -6.00 25.91
N ILE A 472 -28.49 -5.44 25.28
CA ILE A 472 -27.21 -5.22 25.97
C ILE A 472 -27.29 -3.92 26.75
N PRO A 473 -27.00 -3.94 28.05
CA PRO A 473 -27.09 -2.71 28.85
C PRO A 473 -26.15 -1.64 28.34
N PHE A 474 -26.55 -0.38 28.58
CA PHE A 474 -25.75 0.75 28.10
C PHE A 474 -24.44 0.88 28.87
N ILE A 475 -24.40 0.38 30.11
CA ILE A 475 -23.15 0.44 30.88
C ILE A 475 -22.06 -0.38 30.20
N TYR A 476 -22.39 -1.61 29.83
CA TYR A 476 -21.43 -2.49 29.18
C TYR A 476 -20.93 -1.89 27.88
N LEU A 477 -21.84 -1.33 27.07
CA LEU A 477 -21.44 -0.77 25.78
C LEU A 477 -20.69 0.53 25.94
N GLU A 478 -20.93 1.26 27.03
CA GLU A 478 -20.22 2.52 27.29
C GLU A 478 -18.81 2.26 27.78
N ASN A 479 -18.62 1.25 28.63
CA ASN A 479 -17.26 0.89 29.03
C ASN A 479 -16.51 0.23 27.87
N MET A 480 -17.24 -0.51 27.02
CA MET A 480 -16.60 -1.21 25.92
C MET A 480 -16.22 -0.27 24.79
N LEU A 481 -17.04 0.75 24.53
CA LEU A 481 -16.82 1.67 23.43
C LEU A 481 -16.42 3.07 23.88
N LEU A 482 -16.26 3.28 25.19
CA LEU A 482 -15.72 4.52 25.75
C LEU A 482 -16.53 5.74 25.33
N PHE A 483 -17.85 5.63 25.41
CA PHE A 483 -18.70 6.79 25.17
C PHE A 483 -18.50 7.83 26.27
N ASN A 484 -18.59 9.10 25.87
CA ASN A 484 -18.36 10.18 26.83
C ASN A 484 -19.44 10.24 27.89
N ASN A 485 -20.69 9.99 27.50
CA ASN A 485 -21.81 10.03 28.42
C ASN A 485 -22.95 9.22 27.81
N ARG A 486 -24.08 9.17 28.53
CA ARG A 486 -25.21 8.39 28.04
C ARG A 486 -25.88 9.06 26.85
N GLN A 487 -25.98 10.38 26.86
CA GLN A 487 -26.62 11.08 25.74
C GLN A 487 -25.95 10.72 24.41
N GLU A 488 -24.64 10.42 24.45
CA GLU A 488 -23.94 10.10 23.22
C GLU A 488 -24.30 8.70 22.71
N ILE A 489 -24.46 7.73 23.61
CA ILE A 489 -24.82 6.39 23.16
C ILE A 489 -26.31 6.33 22.80
N ILE A 490 -27.13 7.17 23.43
CA ILE A 490 -28.53 7.24 23.05
C ILE A 490 -28.68 7.87 21.67
N GLU A 491 -27.97 8.97 21.42
CA GLU A 491 -27.98 9.57 20.09
C GLU A 491 -27.35 8.64 19.06
N PHE A 492 -26.38 7.83 19.47
CA PHE A 492 -25.77 6.86 18.56
C PHE A 492 -26.78 5.79 18.16
N CYS A 493 -27.49 5.23 19.14
CA CYS A 493 -28.49 4.22 18.83
C CYS A 493 -29.65 4.80 18.01
N ASN A 494 -30.05 6.02 18.33
CA ASN A 494 -31.12 6.67 17.57
C ASN A 494 -30.69 6.93 16.13
N TYR A 495 -29.41 7.26 15.92
CA TYR A 495 -28.93 7.50 14.57
C TYR A 495 -28.97 6.23 13.72
N TYR A 496 -28.55 5.10 14.29
CA TYR A 496 -28.52 3.84 13.56
C TYR A 496 -29.75 2.98 13.82
N SER A 497 -30.82 3.57 14.35
CA SER A 497 -32.11 2.90 14.52
C SER A 497 -31.97 1.63 15.38
N ILE A 498 -31.11 1.69 16.38
CA ILE A 498 -31.00 0.63 17.36
C ILE A 498 -32.02 0.88 18.46
N GLU A 499 -32.98 -0.02 18.61
CA GLU A 499 -34.06 0.17 19.56
C GLU A 499 -33.50 0.21 20.98
N ILE A 500 -33.90 1.24 21.73
CA ILE A 500 -33.51 1.42 23.12
C ILE A 500 -34.63 0.90 24.00
N ILE A 501 -34.36 -0.17 24.73
CA ILE A 501 -35.32 -0.78 25.64
C ILE A 501 -34.93 -0.40 27.06
N ASN A 502 -35.94 -0.08 27.87
CA ASN A 502 -35.76 0.27 29.27
C ASN A 502 -34.94 1.55 29.44
N GLY A 503 -34.81 2.35 28.38
CA GLY A 503 -34.07 3.58 28.44
C GLY A 503 -32.61 3.45 28.85
N ASP A 504 -32.14 2.21 29.00
CA ASP A 504 -30.74 1.97 29.36
C ASP A 504 -30.16 0.75 28.68
N ALA A 505 -30.86 0.17 27.71
CA ALA A 505 -30.35 -1.02 27.03
C ALA A 505 -30.56 -0.87 25.53
N ALA A 506 -29.67 -1.51 24.77
CA ALA A 506 -29.72 -1.49 23.31
C ALA A 506 -30.05 -2.89 22.81
N ASP A 507 -31.12 -3.01 22.04
CA ASP A 507 -31.51 -4.27 21.43
C ASP A 507 -30.73 -4.40 20.13
N LEU A 508 -29.62 -5.15 20.17
CA LEU A 508 -28.68 -5.15 19.04
C LEU A 508 -29.25 -5.85 17.82
N LYS A 509 -30.22 -6.76 17.99
CA LYS A 509 -30.80 -7.43 16.84
C LYS A 509 -31.60 -6.47 15.97
N THR A 510 -32.06 -5.35 16.52
CA THR A 510 -32.77 -4.35 15.75
C THR A 510 -31.85 -3.52 14.86
N LEU A 511 -30.54 -3.68 14.97
CA LEU A 511 -29.60 -3.02 14.08
C LEU A 511 -29.67 -3.69 12.72
N GLN A 512 -30.36 -3.04 11.77
CA GLN A 512 -30.54 -3.59 10.45
C GLN A 512 -29.50 -3.10 9.44
N HIS A 513 -28.67 -2.13 9.82
CA HIS A 513 -27.67 -1.61 8.90
C HIS A 513 -26.43 -2.48 8.91
N TYR A 514 -25.85 -2.68 7.73
CA TYR A 514 -24.59 -3.39 7.57
C TYR A 514 -23.44 -2.47 7.17
N SER A 515 -23.71 -1.18 6.97
CA SER A 515 -22.68 -0.20 6.66
C SER A 515 -22.79 0.96 7.63
N HIS A 516 -21.63 1.48 8.06
CA HIS A 516 -21.61 2.63 8.95
C HIS A 516 -22.23 3.85 8.29
N LYS A 517 -22.16 3.95 6.97
CA LYS A 517 -22.67 5.09 6.23
C LYS A 517 -24.07 4.76 5.74
N LEU A 518 -25.07 5.44 6.30
CA LEU A 518 -26.44 5.26 5.85
C LEU A 518 -26.60 5.85 4.46
N SER A 519 -27.43 5.20 3.63
CA SER A 519 -27.47 5.51 2.20
C SER A 519 -27.92 6.95 1.95
N GLU A 520 -28.93 7.42 2.67
CA GLU A 520 -29.58 8.69 2.35
C GLU A 520 -29.19 9.82 3.31
N THR A 521 -29.01 9.54 4.60
CA THR A 521 -28.78 10.60 5.56
C THR A 521 -27.29 10.92 5.66
N GLN A 522 -27.01 12.10 6.20
CA GLN A 522 -25.64 12.53 6.41
C GLN A 522 -25.00 11.74 7.56
N PRO A 523 -23.67 11.63 7.56
CA PRO A 523 -23.01 10.93 8.66
C PRO A 523 -23.26 11.60 9.99
N LEU A 524 -23.28 10.79 11.05
CA LEU A 524 -23.37 11.33 12.40
C LEU A 524 -22.20 12.27 12.66
N LYS A 525 -22.47 13.35 13.38
CA LYS A 525 -21.44 14.35 13.64
C LYS A 525 -20.25 13.72 14.36
N LYS A 526 -19.06 14.26 14.07
CA LYS A 526 -17.85 13.74 14.68
C LYS A 526 -17.89 13.94 16.20
N THR A 527 -17.23 13.03 16.92
CA THR A 527 -17.18 13.08 18.37
C THR A 527 -15.74 12.98 18.84
N TYR A 528 -15.55 13.00 20.16
CA TYR A 528 -14.24 13.01 20.76
C TYR A 528 -14.24 12.09 21.97
N LEU A 529 -13.05 11.93 22.57
CA LEU A 529 -12.89 11.18 23.80
C LEU A 529 -12.56 12.14 24.94
N THR A 530 -13.16 11.90 26.10
CA THR A 530 -12.94 12.78 27.26
C THR A 530 -11.49 12.75 27.72
N CYS A 531 -10.84 11.59 27.62
CA CYS A 531 -9.45 11.49 28.05
C CYS A 531 -8.54 12.40 27.25
N LEU A 532 -8.77 12.49 25.93
CA LEU A 532 -7.90 13.30 25.09
C LEU A 532 -8.14 14.79 25.29
N GLU A 533 -9.39 15.19 25.52
CA GLU A 533 -9.67 16.58 25.89
C GLU A 533 -9.02 16.92 27.21
N ARG A 534 -9.13 16.03 28.20
CA ARG A 534 -8.46 16.23 29.48
C ARG A 534 -6.95 16.38 29.29
N ARG A 535 -6.36 15.57 28.41
CA ARG A 535 -4.93 15.73 28.14
C ARG A 535 -4.63 17.04 27.44
N LEU A 536 -5.56 17.53 26.60
CA LEU A 536 -5.34 18.81 25.94
C LEU A 536 -5.35 19.96 26.92
N GLN A 537 -6.25 19.91 27.90
CA GLN A 537 -6.30 20.98 28.90
C GLN A 537 -5.09 21.01 29.81
N LYS A 538 -4.23 20.00 29.76
CA LYS A 538 -3.05 19.92 30.61
C LYS A 538 -1.78 20.37 29.91
N THR A 539 -1.85 20.68 28.62
CA THR A 539 -0.71 21.21 27.88
C THR A 539 -1.15 22.50 27.19
N THR A 540 -0.36 22.96 26.22
CA THR A 540 -0.67 24.17 25.47
C THR A 540 -0.74 23.84 23.99
N TYR A 541 -1.51 24.65 23.26
CA TYR A 541 -1.58 24.48 21.81
C TYR A 541 -0.21 24.66 21.18
N LYS A 542 0.47 25.75 21.53
CA LYS A 542 1.78 26.05 20.95
C LYS A 542 2.78 24.96 21.27
N GLY A 543 2.75 24.42 22.49
CA GLY A 543 3.62 23.30 22.83
C GLY A 543 3.41 22.11 21.92
N LEU A 544 2.15 21.72 21.71
CA LEU A 544 1.85 20.61 20.80
C LEU A 544 2.34 20.91 19.38
N ILE A 545 2.17 22.15 18.91
CA ILE A 545 2.49 22.45 17.52
C ILE A 545 4.00 22.44 17.29
N ASN A 546 4.79 22.79 18.30
CA ASN A 546 6.24 22.83 18.19
C ASN A 546 6.90 21.49 18.46
N GLY A 547 6.11 20.43 18.65
CA GLY A 547 6.65 19.09 18.87
C GLY A 547 6.79 18.73 20.34
N MET B 1 34.41 -0.74 -48.44
CA MET B 1 32.99 -0.64 -48.75
C MET B 1 32.27 0.27 -47.76
N ASP B 2 31.37 1.11 -48.28
CA ASP B 2 30.56 1.99 -47.45
C ASP B 2 29.66 1.15 -46.54
N MET B 3 29.98 1.08 -45.25
CA MET B 3 29.20 0.27 -44.33
C MET B 3 27.91 0.94 -43.89
N ALA B 4 27.83 2.27 -43.97
CA ALA B 4 26.57 2.95 -43.68
C ALA B 4 25.55 2.69 -44.76
N ASN B 5 25.97 2.76 -46.03
CA ASN B 5 25.09 2.42 -47.14
C ASN B 5 24.63 0.96 -47.06
N GLN B 6 25.56 0.06 -46.70
CA GLN B 6 25.22 -1.36 -46.54
C GLN B 6 24.18 -1.56 -45.44
N LEU B 7 24.44 -0.99 -44.26
CA LEU B 7 23.48 -1.08 -43.18
C LEU B 7 22.13 -0.53 -43.58
N LEU B 8 22.11 0.59 -44.32
CA LEU B 8 20.84 1.16 -44.75
C LEU B 8 20.13 0.25 -45.75
N ASP B 9 20.87 -0.49 -46.58
CA ASP B 9 20.23 -1.50 -47.40
C ASP B 9 19.57 -2.57 -46.53
N GLU B 10 20.33 -3.12 -45.59
CA GLU B 10 19.79 -4.17 -44.72
C GLU B 10 18.55 -3.70 -43.98
N LEU B 11 18.61 -2.51 -43.37
CA LEU B 11 17.47 -1.99 -42.62
C LEU B 11 16.30 -1.67 -43.54
N ALA B 12 16.58 -1.19 -44.75
CA ALA B 12 15.53 -0.89 -45.70
C ALA B 12 14.82 -2.16 -46.17
N HIS B 13 15.49 -3.31 -46.15
CA HIS B 13 14.85 -4.56 -46.53
C HIS B 13 14.50 -5.44 -45.34
N GLY B 14 14.30 -4.84 -44.16
CA GLY B 14 13.91 -5.60 -42.99
C GLY B 14 14.97 -6.53 -42.43
N ASN B 15 16.22 -6.39 -42.85
CA ASN B 15 17.34 -7.16 -42.29
C ASN B 15 17.93 -6.36 -41.14
N PHE B 16 17.57 -6.76 -39.91
CA PHE B 16 18.01 -6.08 -38.69
C PHE B 16 19.06 -6.90 -37.95
N SER B 17 19.94 -7.57 -38.69
CA SER B 17 20.94 -8.42 -38.05
C SER B 17 21.95 -7.60 -37.23
N HIS B 18 22.24 -6.38 -37.65
CA HIS B 18 23.18 -5.53 -36.95
C HIS B 18 22.51 -4.38 -36.21
N LEU B 19 21.18 -4.38 -36.14
CA LEU B 19 20.43 -3.32 -35.46
C LEU B 19 20.26 -3.73 -33.99
N THR B 20 21.25 -3.35 -33.17
CA THR B 20 21.19 -3.67 -31.75
C THR B 20 22.11 -2.72 -31.00
N LEU B 21 21.72 -2.40 -29.76
CA LEU B 21 22.52 -1.56 -28.89
C LEU B 21 23.56 -2.35 -28.09
N ASN B 22 23.56 -3.68 -28.19
CA ASN B 22 24.47 -4.51 -27.44
C ASN B 22 25.80 -4.58 -28.18
N LEU B 23 26.83 -3.93 -27.64
CA LEU B 23 28.13 -3.93 -28.28
C LEU B 23 28.84 -5.28 -28.14
N SER B 24 28.40 -6.13 -27.22
CA SER B 24 28.95 -7.49 -27.14
C SER B 24 28.57 -8.33 -28.35
N GLN B 25 27.53 -7.92 -29.08
CA GLN B 25 27.13 -8.58 -30.32
C GLN B 25 27.39 -7.74 -31.56
N ASN B 26 27.57 -6.43 -31.40
CA ASN B 26 27.64 -5.49 -32.51
C ASN B 26 28.95 -4.69 -32.53
N GLY B 27 29.94 -5.08 -31.72
CA GLY B 27 31.05 -4.19 -31.44
C GLY B 27 31.88 -3.85 -32.66
N ARG B 28 32.32 -4.87 -33.41
CA ARG B 28 33.21 -4.61 -34.53
C ARG B 28 32.52 -3.83 -35.64
N GLU B 29 31.32 -4.28 -36.03
CA GLU B 29 30.57 -3.57 -37.06
C GLU B 29 30.29 -2.12 -36.65
N ILE B 30 29.92 -1.90 -35.39
CA ILE B 30 29.63 -0.56 -34.92
C ILE B 30 30.89 0.29 -34.89
N ALA B 31 32.05 -0.33 -34.62
CA ALA B 31 33.30 0.43 -34.64
C ALA B 31 33.64 0.88 -36.06
N ILE B 32 33.57 -0.05 -37.02
CA ILE B 32 33.78 0.34 -38.43
C ILE B 32 32.81 1.44 -38.82
N LEU B 33 31.54 1.29 -38.46
CA LEU B 33 30.54 2.31 -38.77
C LEU B 33 30.89 3.65 -38.13
N GLN B 34 31.45 3.62 -36.92
CA GLN B 34 31.80 4.87 -36.26
C GLN B 34 32.97 5.56 -36.94
N LYS B 35 33.96 4.79 -37.40
CA LYS B 35 35.06 5.41 -38.12
C LYS B 35 34.61 5.97 -39.45
N GLN B 36 33.69 5.29 -40.13
CA GLN B 36 33.26 5.78 -41.44
C GLN B 36 32.28 6.94 -41.33
N LEU B 37 31.49 6.99 -40.26
CA LEU B 37 30.49 8.04 -40.07
C LEU B 37 31.08 9.32 -39.50
N THR B 38 32.30 9.27 -38.95
CA THR B 38 32.95 10.47 -38.44
C THR B 38 33.18 11.45 -39.58
N GLY B 39 32.82 12.71 -39.35
CA GLY B 39 32.88 13.73 -40.39
C GLY B 39 31.52 14.31 -40.68
N PHE B 40 30.51 13.45 -40.78
CA PHE B 40 29.19 13.85 -41.25
C PHE B 40 28.38 14.43 -40.10
N ASP B 41 27.71 15.55 -40.37
CA ASP B 41 26.85 16.17 -39.38
C ASP B 41 25.52 15.43 -39.29
N ASP B 42 24.62 15.92 -38.44
CA ASP B 42 23.35 15.24 -38.24
C ASP B 42 22.48 15.30 -39.49
N LYS B 43 22.47 16.45 -40.17
CA LYS B 43 21.66 16.60 -41.37
C LYS B 43 22.14 15.68 -42.48
N GLN B 44 23.44 15.37 -42.53
CA GLN B 44 23.96 14.49 -43.56
C GLN B 44 23.55 13.04 -43.31
N LEU B 45 23.51 12.62 -42.05
CA LEU B 45 23.00 11.29 -41.73
C LEU B 45 21.51 11.19 -42.05
N GLU B 46 20.75 12.19 -41.61
CA GLU B 46 19.33 12.24 -41.93
C GLU B 46 19.10 12.16 -43.44
N THR B 47 19.95 12.84 -44.21
CA THR B 47 19.85 12.76 -45.67
C THR B 47 20.20 11.37 -46.18
N PHE B 48 21.21 10.75 -45.56
CA PHE B 48 21.55 9.37 -45.92
C PHE B 48 20.36 8.45 -45.78
N VAL B 49 19.58 8.63 -44.70
CA VAL B 49 18.40 7.78 -44.55
C VAL B 49 17.28 8.22 -45.49
N GLU B 50 17.13 9.53 -45.70
CA GLU B 50 15.98 10.03 -46.46
C GLU B 50 16.07 9.64 -47.93
N GLN B 51 17.24 9.76 -48.54
CA GLN B 51 17.43 9.54 -49.96
C GLN B 51 17.89 8.12 -50.29
N HIS B 52 17.90 7.23 -49.32
CA HIS B 52 18.40 5.89 -49.57
C HIS B 52 17.37 5.10 -50.40
N PRO B 53 17.82 4.34 -51.38
CA PRO B 53 16.88 3.54 -52.19
C PRO B 53 16.21 2.46 -51.36
N ALA B 54 14.96 2.15 -51.73
CA ALA B 54 14.13 1.13 -51.10
C ALA B 54 13.85 1.42 -49.63
N MET B 55 14.21 2.59 -49.14
CA MET B 55 13.89 2.96 -47.76
C MET B 55 12.39 3.14 -47.62
N PRO B 56 11.74 2.49 -46.65
CA PRO B 56 10.30 2.66 -46.49
C PRO B 56 9.93 4.12 -46.24
N ASN B 57 8.89 4.58 -46.92
CA ASN B 57 8.43 5.96 -46.82
C ASN B 57 7.64 6.17 -45.52
N ASP B 58 8.31 5.89 -44.40
CA ASP B 58 7.76 6.03 -43.07
C ASP B 58 8.65 6.97 -42.28
N THR B 59 8.04 8.03 -41.73
CA THR B 59 8.83 9.01 -41.00
C THR B 59 9.42 8.43 -39.72
N ARG B 60 8.64 7.61 -39.01
CA ARG B 60 9.14 7.03 -37.77
C ARG B 60 10.23 6.00 -38.03
N PHE B 61 10.10 5.25 -39.13
CA PHE B 61 11.14 4.28 -39.49
C PHE B 61 12.44 5.00 -39.86
N LYS B 62 12.35 6.04 -40.67
CA LYS B 62 13.54 6.81 -41.04
C LYS B 62 14.14 7.52 -39.84
N ILE B 63 13.30 7.96 -38.89
CA ILE B 63 13.80 8.55 -37.66
C ILE B 63 14.54 7.50 -36.84
N MET B 64 14.06 6.26 -36.85
CA MET B 64 14.76 5.18 -36.16
C MET B 64 16.12 4.93 -36.80
N CYS B 65 16.16 4.80 -38.13
CA CYS B 65 17.43 4.55 -38.82
C CYS B 65 18.43 5.68 -38.57
N THR B 66 17.97 6.92 -38.71
CA THR B 66 18.85 8.06 -38.46
C THR B 66 19.33 8.07 -37.01
N SER B 67 18.47 7.70 -36.07
CA SER B 67 18.88 7.66 -34.67
C SER B 67 19.93 6.59 -34.44
N PHE B 68 19.83 5.46 -35.14
CA PHE B 68 20.86 4.44 -35.04
C PHE B 68 22.16 4.89 -35.67
N LEU B 69 22.09 5.71 -36.73
CA LEU B 69 23.31 6.24 -37.32
C LEU B 69 23.98 7.25 -36.38
N ASN B 70 23.18 8.08 -35.72
CA ASN B 70 23.73 8.98 -34.71
C ASN B 70 24.37 8.20 -33.57
N TYR B 71 23.70 7.14 -33.11
CA TYR B 71 24.28 6.29 -32.09
C TYR B 71 25.63 5.72 -32.53
N ALA B 72 25.65 5.06 -33.69
CA ALA B 72 26.89 4.45 -34.18
C ALA B 72 27.99 5.49 -34.36
N ARG B 73 27.63 6.71 -34.74
CA ARG B 73 28.63 7.75 -34.96
C ARG B 73 29.20 8.28 -33.65
N ASP B 74 28.34 8.51 -32.65
CA ASP B 74 28.76 9.20 -31.44
C ASP B 74 28.90 8.30 -30.23
N VAL B 75 28.74 6.99 -30.38
CA VAL B 75 28.78 6.10 -29.21
C VAL B 75 30.18 6.10 -28.61
N ASP B 76 30.24 6.13 -27.27
CA ASP B 76 31.48 6.04 -26.52
C ASP B 76 31.45 4.74 -25.72
N PRO B 77 32.03 3.65 -26.23
CA PRO B 77 31.96 2.36 -25.52
C PRO B 77 32.61 2.38 -24.15
N TRP B 78 33.49 3.35 -23.88
CA TRP B 78 34.14 3.45 -22.58
C TRP B 78 33.28 4.13 -21.53
N SER B 79 32.16 4.75 -21.92
CA SER B 79 31.31 5.48 -20.98
C SER B 79 29.86 5.13 -21.28
N ALA B 80 29.23 4.37 -20.39
CA ALA B 80 27.81 4.06 -20.56
C ALA B 80 26.94 5.29 -20.33
N TRP B 81 27.40 6.23 -19.50
CA TRP B 81 26.61 7.43 -19.23
C TRP B 81 26.67 8.40 -20.41
N SER B 82 27.87 8.63 -20.95
CA SER B 82 28.01 9.57 -22.06
C SER B 82 27.23 9.11 -23.29
N SER B 83 27.11 7.80 -23.49
CA SER B 83 26.38 7.26 -24.62
C SER B 83 24.90 7.03 -24.33
N SER B 84 24.45 7.32 -23.10
CA SER B 84 23.08 6.96 -22.71
C SER B 84 22.04 7.73 -23.49
N ASP B 85 22.32 8.98 -23.87
CA ASP B 85 21.33 9.75 -24.63
C ASP B 85 21.07 9.12 -25.99
N LEU B 86 22.13 8.69 -26.68
CA LEU B 86 21.97 8.01 -27.97
C LEU B 86 21.22 6.70 -27.80
N ILE B 87 21.57 5.93 -26.76
CA ILE B 87 20.99 4.60 -26.57
C ILE B 87 19.49 4.70 -26.29
N PHE B 88 19.12 5.53 -25.30
CA PHE B 88 17.71 5.67 -24.95
C PHE B 88 16.92 6.35 -26.06
N GLU B 89 17.53 7.33 -26.74
CA GLU B 89 16.87 7.95 -27.88
C GLU B 89 16.54 6.91 -28.96
N PHE B 90 17.54 6.10 -29.33
CA PHE B 90 17.30 5.08 -30.34
C PHE B 90 16.27 4.06 -29.88
N TYR B 91 16.29 3.71 -28.59
CA TYR B 91 15.30 2.75 -28.10
C TYR B 91 13.89 3.32 -28.22
N GLN B 92 13.72 4.60 -27.87
CA GLN B 92 12.40 5.21 -27.98
C GLN B 92 11.94 5.29 -29.43
N CYS B 93 12.86 5.59 -30.35
CA CYS B 93 12.48 5.58 -31.76
C CYS B 93 12.07 4.17 -32.21
N LEU B 94 12.84 3.16 -31.80
CA LEU B 94 12.55 1.79 -32.18
C LEU B 94 11.16 1.36 -31.70
N ILE B 95 10.84 1.66 -30.45
CA ILE B 95 9.50 1.33 -29.96
C ILE B 95 8.45 2.17 -30.68
N ASN B 96 8.80 3.41 -31.07
CA ASN B 96 7.87 4.21 -31.85
C ASN B 96 7.56 3.57 -33.19
N CYS B 97 8.50 2.81 -33.74
CA CYS B 97 8.20 2.09 -34.98
C CYS B 97 7.23 0.94 -34.79
N LEU B 98 6.76 0.66 -33.58
CA LEU B 98 5.81 -0.42 -33.33
C LEU B 98 4.40 0.06 -33.04
N ILE B 99 4.19 1.36 -32.84
CA ILE B 99 2.88 1.85 -32.45
C ILE B 99 1.86 1.60 -33.56
N ASN B 100 2.24 1.88 -34.79
CA ASN B 100 1.37 1.60 -35.92
C ASN B 100 1.37 0.09 -36.20
N ASP B 101 0.17 -0.50 -36.25
CA ASP B 101 0.06 -1.93 -36.48
C ASP B 101 0.56 -2.32 -37.87
N ASN B 102 0.39 -1.44 -38.86
CA ASN B 102 0.86 -1.67 -40.22
C ASN B 102 2.15 -0.94 -40.52
N ALA B 103 3.00 -0.74 -39.51
CA ALA B 103 4.27 -0.09 -39.73
C ALA B 103 5.19 -0.97 -40.58
N PRO B 104 6.10 -0.37 -41.34
CA PRO B 104 7.01 -1.17 -42.17
C PRO B 104 7.90 -2.07 -41.34
N HIS B 105 8.03 -3.33 -41.77
CA HIS B 105 8.89 -4.32 -41.12
C HIS B 105 8.53 -4.51 -39.66
N ILE B 106 7.24 -4.45 -39.33
CA ILE B 106 6.82 -4.55 -37.93
C ILE B 106 7.16 -5.92 -37.36
N GLU B 107 6.89 -6.98 -38.12
CA GLU B 107 7.13 -8.34 -37.65
C GLU B 107 8.63 -8.60 -37.45
N MET B 108 9.47 -8.04 -38.32
CA MET B 108 10.91 -8.19 -38.13
C MET B 108 11.42 -7.28 -37.01
N LEU B 109 10.72 -6.19 -36.73
CA LEU B 109 11.17 -5.26 -35.71
C LEU B 109 10.81 -5.71 -34.30
N ILE B 110 9.76 -6.53 -34.15
CA ILE B 110 9.33 -6.95 -32.81
C ILE B 110 10.43 -7.70 -32.06
N PRO B 111 11.06 -8.74 -32.62
CA PRO B 111 12.15 -9.40 -31.86
C PRO B 111 13.28 -8.45 -31.52
N VAL B 112 13.65 -7.58 -32.46
CA VAL B 112 14.60 -6.52 -32.16
C VAL B 112 14.15 -5.71 -30.96
N ALA B 113 12.85 -5.41 -30.89
CA ALA B 113 12.35 -4.57 -29.80
C ALA B 113 12.41 -5.29 -28.46
N THR B 114 12.14 -6.60 -28.45
CA THR B 114 12.25 -7.35 -27.20
C THR B 114 13.70 -7.43 -26.73
N ARG B 115 14.60 -7.80 -27.64
CA ARG B 115 16.04 -7.84 -27.35
C ARG B 115 16.52 -6.51 -26.77
N GLU B 116 16.31 -5.42 -27.53
CA GLU B 116 16.72 -4.10 -27.07
C GLU B 116 16.02 -3.70 -25.78
N THR B 117 14.82 -4.24 -25.53
CA THR B 117 14.12 -3.96 -24.29
C THR B 117 14.86 -4.56 -23.10
N GLU B 118 15.26 -5.83 -23.20
CA GLU B 118 16.06 -6.42 -22.13
C GLU B 118 17.35 -5.64 -21.92
N PHE B 119 18.06 -5.33 -23.02
CA PHE B 119 19.30 -4.57 -22.91
C PHE B 119 19.08 -3.24 -22.18
N ILE B 120 18.11 -2.46 -22.64
CA ILE B 120 17.87 -1.13 -22.08
C ILE B 120 17.33 -1.19 -20.66
N ILE B 121 16.70 -2.30 -20.27
CA ILE B 121 16.29 -2.44 -18.88
C ILE B 121 17.51 -2.65 -17.99
N ASN B 122 18.42 -3.53 -18.42
CA ASN B 122 19.65 -3.71 -17.66
C ASN B 122 20.42 -2.40 -17.54
N LEU B 123 20.60 -1.69 -18.66
CA LEU B 123 21.33 -0.43 -18.63
C LEU B 123 20.60 0.61 -17.76
N ALA B 124 19.27 0.58 -17.77
CA ALA B 124 18.48 1.54 -16.99
C ALA B 124 18.64 1.30 -15.50
N GLY B 125 18.65 0.04 -15.07
CA GLY B 125 18.99 -0.23 -13.68
C GLY B 125 20.39 0.25 -13.34
N LYS B 126 21.37 -0.14 -14.16
CA LYS B 126 22.76 0.26 -13.94
C LYS B 126 22.88 1.77 -13.74
N LEU B 127 22.22 2.56 -14.61
CA LEU B 127 22.34 4.01 -14.51
C LEU B 127 21.52 4.58 -13.35
N ASP B 128 20.41 3.92 -13.00
CA ASP B 128 19.60 4.39 -11.88
C ASP B 128 20.32 4.20 -10.55
N SER B 129 21.20 3.20 -10.45
CA SER B 129 21.97 3.04 -9.21
C SER B 129 22.86 4.25 -8.93
N PHE B 130 23.24 5.02 -9.96
CA PHE B 130 24.09 6.19 -9.80
C PHE B 130 23.30 7.50 -9.87
N HIS B 131 22.07 7.51 -9.35
CA HIS B 131 21.21 8.67 -9.53
C HIS B 131 21.75 9.89 -8.79
N LEU B 132 22.42 9.68 -7.65
CA LEU B 132 22.98 10.81 -6.91
C LEU B 132 24.12 11.46 -7.67
N GLN B 133 24.98 10.64 -8.29
CA GLN B 133 26.12 11.18 -9.03
C GLN B 133 25.70 11.74 -10.38
N LEU B 134 24.61 11.23 -10.95
CA LEU B 134 24.10 11.69 -12.24
C LEU B 134 23.09 12.82 -12.10
N HIS B 135 22.76 13.23 -10.87
CA HIS B 135 21.81 14.31 -10.61
C HIS B 135 20.43 13.99 -11.19
N THR B 136 20.01 12.74 -11.05
CA THR B 136 18.69 12.29 -11.48
C THR B 136 17.91 11.76 -10.29
N ARG B 137 16.59 11.80 -10.40
CA ARG B 137 15.75 11.25 -9.34
C ARG B 137 15.79 9.73 -9.38
N SER B 138 15.29 9.12 -8.30
CA SER B 138 15.34 7.67 -8.18
C SER B 138 14.49 7.01 -9.25
N HIS B 139 15.05 5.98 -9.89
CA HIS B 139 14.37 5.15 -10.89
C HIS B 139 13.97 5.95 -12.13
N GLN B 140 14.68 7.03 -12.45
CA GLN B 140 14.24 7.89 -13.55
C GLN B 140 14.40 7.19 -14.89
N PHE B 141 15.56 6.58 -15.14
CA PHE B 141 15.77 5.86 -16.40
C PHE B 141 14.74 4.75 -16.59
N LEU B 142 14.64 3.85 -15.61
CA LEU B 142 13.72 2.72 -15.73
C LEU B 142 12.27 3.17 -15.80
N SER B 143 11.93 4.28 -15.14
CA SER B 143 10.58 4.81 -15.27
C SER B 143 10.32 5.33 -16.68
N HIS B 144 11.33 5.97 -17.29
CA HIS B 144 11.23 6.35 -18.69
C HIS B 144 10.95 5.14 -19.56
N ILE B 145 11.72 4.07 -19.34
CA ILE B 145 11.47 2.81 -20.06
C ILE B 145 10.04 2.34 -19.84
N SER B 146 9.54 2.48 -18.60
CA SER B 146 8.18 2.04 -18.30
C SER B 146 7.14 2.87 -19.07
N SER B 147 7.43 4.16 -19.28
CA SER B 147 6.53 4.98 -20.08
C SER B 147 6.52 4.53 -21.53
N ILE B 148 7.71 4.28 -22.09
CA ILE B 148 7.81 3.81 -23.47
C ILE B 148 7.03 2.51 -23.65
N LEU B 149 7.32 1.51 -22.81
CA LEU B 149 6.61 0.23 -22.88
C LEU B 149 5.12 0.39 -22.62
N SER B 150 4.74 1.42 -21.87
CA SER B 150 3.33 1.66 -21.62
C SER B 150 2.60 2.16 -22.86
N ARG B 151 3.23 3.08 -23.59
CA ARG B 151 2.64 3.50 -24.87
C ARG B 151 2.58 2.34 -25.85
N LEU B 152 3.65 1.54 -25.92
CA LEU B 152 3.60 0.35 -26.76
C LEU B 152 2.46 -0.58 -26.35
N PHE B 153 2.25 -0.73 -25.04
CA PHE B 153 1.17 -1.60 -24.56
C PHE B 153 -0.20 -1.04 -24.93
N ASN B 154 -0.36 0.28 -24.85
CA ASN B 154 -1.64 0.88 -25.25
C ASN B 154 -1.89 0.73 -26.74
N SER B 155 -0.82 0.70 -27.56
CA SER B 155 -1.03 0.60 -28.99
C SER B 155 -1.52 -0.78 -29.44
N ILE B 156 -1.40 -1.80 -28.59
CA ILE B 156 -1.80 -3.16 -28.95
C ILE B 156 -3.33 -3.25 -28.87
N LYS B 157 -3.96 -3.59 -30.01
CA LYS B 157 -5.42 -3.58 -30.04
C LYS B 157 -5.98 -4.99 -29.95
N PRO B 158 -7.18 -5.15 -29.42
CA PRO B 158 -7.83 -6.47 -29.36
C PRO B 158 -8.12 -6.98 -30.76
N PRO B 159 -8.38 -8.29 -30.91
CA PRO B 159 -8.63 -8.84 -32.24
C PRO B 159 -9.98 -8.38 -32.78
N ARG B 160 -10.05 -8.27 -34.10
CA ARG B 160 -11.32 -7.98 -34.75
C ARG B 160 -12.26 -9.18 -34.57
N GLY B 161 -13.51 -8.89 -34.17
CA GLY B 161 -14.45 -9.97 -33.87
C GLY B 161 -14.62 -10.94 -35.02
N ASN B 162 -14.60 -10.44 -36.25
CA ASN B 162 -14.63 -11.29 -37.43
C ASN B 162 -13.34 -11.15 -38.22
N ALA B 163 -12.22 -11.54 -37.62
CA ALA B 163 -10.92 -11.40 -38.27
C ALA B 163 -10.82 -12.33 -39.47
N SER B 164 -10.09 -11.89 -40.49
CA SER B 164 -10.00 -12.65 -41.73
C SER B 164 -8.90 -13.70 -41.69
N SER B 165 -7.96 -13.60 -40.75
CA SER B 165 -6.84 -14.51 -40.68
C SER B 165 -6.58 -14.90 -39.23
N THR B 166 -5.91 -16.04 -39.06
CA THR B 166 -5.44 -16.48 -37.75
C THR B 166 -4.04 -15.98 -37.46
N ASN B 167 -3.51 -15.08 -38.28
CA ASN B 167 -2.20 -14.53 -38.01
C ASN B 167 -2.18 -13.91 -36.61
N ILE B 168 -1.28 -14.42 -35.77
CA ILE B 168 -0.98 -13.76 -34.51
C ILE B 168 0.03 -12.66 -34.83
N PRO B 169 -0.39 -11.40 -34.91
CA PRO B 169 0.59 -10.33 -35.12
C PRO B 169 1.59 -10.30 -33.98
N GLY B 170 2.82 -9.93 -34.30
CA GLY B 170 3.89 -10.01 -33.31
C GLY B 170 3.62 -9.13 -32.10
N LYS B 171 2.82 -8.07 -32.27
CA LYS B 171 2.43 -7.27 -31.12
C LYS B 171 1.55 -8.06 -30.16
N GLN B 172 0.78 -9.02 -30.67
CA GLN B 172 0.01 -9.91 -29.82
C GLN B 172 0.87 -11.03 -29.24
N ARG B 173 1.92 -11.44 -29.97
CA ARG B 173 2.78 -12.52 -29.48
C ARG B 173 3.55 -12.09 -28.23
N ILE B 174 3.88 -10.81 -28.13
CA ILE B 174 4.65 -10.31 -27.00
C ILE B 174 3.75 -9.56 -25.99
N LEU B 175 2.43 -9.76 -26.09
CA LEU B 175 1.52 -9.05 -25.20
C LEU B 175 1.77 -9.41 -23.75
N LEU B 176 1.75 -10.71 -23.42
CA LEU B 176 2.00 -11.14 -22.06
C LEU B 176 3.44 -10.87 -21.66
N TYR B 177 4.38 -11.03 -22.60
CA TYR B 177 5.77 -10.65 -22.35
C TYR B 177 5.87 -9.20 -21.92
N LEU B 178 5.20 -8.31 -22.67
CA LEU B 178 5.23 -6.88 -22.34
C LEU B 178 4.54 -6.62 -21.01
N VAL B 179 3.46 -7.35 -20.71
CA VAL B 179 2.77 -7.17 -19.44
C VAL B 179 3.69 -7.51 -18.27
N ASN B 180 4.39 -8.64 -18.36
CA ASN B 180 5.25 -9.06 -17.27
C ASN B 180 6.48 -8.15 -17.15
N LYS B 181 7.02 -7.69 -18.27
CA LYS B 181 8.14 -6.76 -18.22
C LYS B 181 7.72 -5.46 -17.54
N LEU B 182 6.58 -4.89 -17.97
CA LEU B 182 6.12 -3.62 -17.42
C LEU B 182 5.80 -3.75 -15.94
N ASN B 183 5.09 -4.82 -15.55
CA ASN B 183 4.75 -5.01 -14.15
C ASN B 183 6.00 -5.24 -13.30
N ASN B 184 6.98 -5.99 -13.83
CA ASN B 184 8.24 -6.15 -13.12
C ASN B 184 8.93 -4.80 -12.91
N ILE B 185 8.90 -3.93 -13.93
CA ILE B 185 9.44 -2.59 -13.77
C ILE B 185 8.72 -1.85 -12.66
N TYR B 186 7.38 -1.91 -12.66
CA TYR B 186 6.62 -1.23 -11.62
C TYR B 186 6.96 -1.77 -10.24
N PHE B 187 7.29 -3.05 -10.13
CA PHE B 187 7.68 -3.60 -8.85
C PHE B 187 9.08 -3.14 -8.45
N ARG B 188 9.98 -3.01 -9.42
CA ARG B 188 11.35 -2.66 -9.06
C ARG B 188 11.45 -1.19 -8.66
N ILE B 189 10.73 -0.32 -9.38
CA ILE B 189 10.65 1.08 -8.97
C ILE B 189 9.80 1.31 -7.73
N GLU B 190 9.28 0.25 -7.14
CA GLU B 190 8.58 0.31 -5.87
C GLU B 190 7.30 1.12 -5.97
N SER B 191 6.64 1.03 -7.13
CA SER B 191 5.30 1.59 -7.35
C SER B 191 4.43 0.54 -8.01
N PRO B 192 4.17 -0.59 -7.32
CA PRO B 192 3.50 -1.72 -7.98
C PRO B 192 2.04 -1.46 -8.30
N GLN B 193 1.42 -0.45 -7.68
CA GLN B 193 0.02 -0.16 -8.00
C GLN B 193 -0.16 0.27 -9.44
N LEU B 194 0.89 0.79 -10.08
CA LEU B 194 0.83 1.10 -11.50
C LEU B 194 0.53 -0.13 -12.34
N CYS B 195 0.70 -1.33 -11.78
CA CYS B 195 0.31 -2.53 -12.49
C CYS B 195 -1.19 -2.60 -12.74
N SER B 196 -1.98 -1.86 -11.94
CA SER B 196 -3.44 -1.96 -12.00
C SER B 196 -3.94 -1.89 -13.44
N ASN B 197 -3.73 -0.75 -14.11
CA ASN B 197 -4.15 -0.62 -15.50
C ASN B 197 -3.64 -1.76 -16.34
N ILE B 198 -2.35 -2.11 -16.20
CA ILE B 198 -1.78 -3.20 -17.00
C ILE B 198 -2.55 -4.50 -16.76
N PHE B 199 -2.93 -4.78 -15.51
CA PHE B 199 -3.73 -5.96 -15.24
C PHE B 199 -5.15 -5.83 -15.77
N LYS B 200 -5.70 -4.60 -15.79
CA LYS B 200 -7.09 -4.43 -16.21
C LYS B 200 -7.24 -4.57 -17.72
N ASN B 201 -6.25 -4.12 -18.49
CA ASN B 201 -6.33 -4.10 -19.94
C ASN B 201 -5.62 -5.27 -20.61
N PHE B 202 -5.11 -6.22 -19.84
CA PHE B 202 -4.41 -7.36 -20.43
C PHE B 202 -5.38 -8.28 -21.18
N GLN B 203 -6.34 -8.85 -20.46
CA GLN B 203 -7.30 -9.76 -21.12
C GLN B 203 -8.11 -9.09 -22.22
N PRO B 204 -8.61 -7.85 -22.08
CA PRO B 204 -9.33 -7.24 -23.20
C PRO B 204 -8.49 -7.08 -24.46
N LYS B 205 -7.18 -6.88 -24.34
CA LYS B 205 -6.33 -6.73 -25.51
C LYS B 205 -5.91 -8.06 -26.11
N SER B 206 -6.06 -9.16 -25.37
CA SER B 206 -5.54 -10.45 -25.81
C SER B 206 -6.45 -11.07 -26.87
N MET B 207 -5.83 -11.62 -27.92
CA MET B 207 -6.57 -12.37 -28.93
C MET B 207 -6.69 -13.84 -28.60
N LEU B 208 -5.87 -14.34 -27.67
CA LEU B 208 -5.92 -15.75 -27.31
C LEU B 208 -7.18 -16.06 -26.51
N ALA B 209 -7.85 -17.15 -26.89
CA ALA B 209 -9.10 -17.55 -26.25
C ALA B 209 -8.90 -18.15 -24.87
N HIS B 210 -7.73 -18.71 -24.59
CA HIS B 210 -7.44 -19.28 -23.29
C HIS B 210 -6.12 -18.74 -22.76
N PHE B 211 -6.06 -18.52 -21.45
CA PHE B 211 -4.82 -18.04 -20.85
C PHE B 211 -3.72 -19.08 -20.94
N ASN B 212 -4.09 -20.37 -20.95
CA ASN B 212 -3.09 -21.44 -21.07
C ASN B 212 -2.47 -21.53 -22.46
N GLU B 213 -2.92 -20.69 -23.41
CA GLU B 213 -2.37 -20.71 -24.76
C GLU B 213 -1.12 -19.86 -24.91
N TYR B 214 -0.86 -18.95 -23.98
CA TYR B 214 0.42 -18.27 -23.95
C TYR B 214 1.51 -19.25 -23.55
N GLN B 215 2.77 -18.81 -23.68
CA GLN B 215 3.88 -19.59 -23.19
C GLN B 215 3.74 -19.80 -21.68
N LEU B 216 3.91 -21.05 -21.24
CA LEU B 216 3.61 -21.39 -19.86
C LEU B 216 4.54 -20.67 -18.88
N ASP B 217 5.75 -20.33 -19.31
CA ASP B 217 6.65 -19.57 -18.45
C ASP B 217 6.11 -18.16 -18.20
N GLN B 218 5.66 -17.49 -19.26
CA GLN B 218 5.01 -16.18 -19.12
C GLN B 218 3.75 -16.29 -18.29
N GLN B 219 3.02 -17.40 -18.39
CA GLN B 219 1.87 -17.62 -17.51
C GLN B 219 2.31 -17.68 -16.05
N ILE B 220 3.38 -18.42 -15.78
CA ILE B 220 3.87 -18.56 -14.41
C ILE B 220 4.28 -17.20 -13.85
N GLU B 221 5.04 -16.42 -14.63
CA GLU B 221 5.47 -15.12 -14.14
C GLU B 221 4.28 -14.18 -13.96
N TYR B 222 3.29 -14.26 -14.86
CA TYR B 222 2.11 -13.42 -14.71
C TYR B 222 1.34 -13.76 -13.45
N ARG B 223 1.15 -15.04 -13.16
CA ARG B 223 0.45 -15.43 -11.94
C ARG B 223 1.25 -15.03 -10.70
N TYR B 224 2.58 -15.08 -10.79
CA TYR B 224 3.42 -14.65 -9.69
C TYR B 224 3.23 -13.17 -9.38
N LEU B 225 3.31 -12.33 -10.42
CA LEU B 225 3.19 -10.88 -10.23
C LEU B 225 1.77 -10.50 -9.81
N LEU B 226 0.76 -11.15 -10.40
CA LEU B 226 -0.62 -10.86 -10.03
C LEU B 226 -0.90 -11.26 -8.58
N GLY B 227 -0.38 -12.40 -8.15
CA GLY B 227 -0.51 -12.79 -6.76
C GLY B 227 0.17 -11.82 -5.82
N ARG B 228 1.37 -11.36 -6.20
CA ARG B 228 2.05 -10.36 -5.36
C ARG B 228 1.26 -9.06 -5.29
N TYR B 229 0.62 -8.66 -6.39
CA TYR B 229 -0.22 -7.47 -6.39
C TYR B 229 -1.41 -7.64 -5.45
N TYR B 230 -2.19 -8.69 -5.67
CA TYR B 230 -3.30 -9.03 -4.78
C TYR B 230 -2.86 -9.01 -3.32
N LEU B 231 -1.71 -9.62 -3.03
CA LEU B 231 -1.22 -9.65 -1.65
C LEU B 231 -0.84 -8.25 -1.17
N LEU B 232 -0.34 -7.40 -2.07
CA LEU B 232 -0.12 -6.01 -1.70
C LEU B 232 -1.42 -5.31 -1.32
N ASN B 233 -2.54 -5.72 -1.91
CA ASN B 233 -3.82 -5.19 -1.50
C ASN B 233 -4.52 -6.05 -0.45
N SER B 234 -3.77 -6.92 0.23
CA SER B 234 -4.27 -7.75 1.33
C SER B 234 -5.40 -8.69 0.89
N GLN B 235 -5.54 -8.94 -0.42
CA GLN B 235 -6.53 -9.88 -0.93
C GLN B 235 -5.86 -11.26 -0.96
N VAL B 236 -6.04 -12.01 0.12
CA VAL B 236 -5.23 -13.19 0.36
C VAL B 236 -5.66 -14.36 -0.52
N HIS B 237 -6.98 -14.54 -0.69
CA HIS B 237 -7.45 -15.66 -1.51
C HIS B 237 -7.11 -15.45 -2.98
N ASN B 238 -7.42 -14.26 -3.50
CA ASN B 238 -7.07 -13.91 -4.87
C ASN B 238 -5.58 -14.13 -5.15
N ALA B 239 -4.72 -13.73 -4.20
CA ALA B 239 -3.30 -13.97 -4.35
C ALA B 239 -2.98 -15.47 -4.28
N PHE B 240 -3.72 -16.20 -3.43
CA PHE B 240 -3.39 -17.60 -3.19
C PHE B 240 -3.64 -18.45 -4.42
N VAL B 241 -4.78 -18.25 -5.08
CA VAL B 241 -5.04 -19.08 -6.27
C VAL B 241 -3.99 -18.82 -7.33
N GLN B 242 -3.45 -17.59 -7.40
CA GLN B 242 -2.45 -17.26 -8.40
C GLN B 242 -1.10 -17.89 -8.06
N PHE B 243 -0.69 -17.80 -6.80
CA PHE B 243 0.55 -18.46 -6.38
C PHE B 243 0.46 -19.97 -6.56
N ASN B 244 -0.68 -20.55 -6.20
CA ASN B 244 -0.87 -22.00 -6.28
C ASN B 244 -0.82 -22.48 -7.72
N GLU B 245 -1.63 -21.87 -8.61
CA GLU B 245 -1.58 -22.27 -10.01
C GLU B 245 -0.22 -22.00 -10.63
N ALA B 246 0.46 -20.94 -10.18
CA ALA B 246 1.81 -20.66 -10.67
C ALA B 246 2.76 -21.78 -10.30
N PHE B 247 2.70 -22.26 -9.06
CA PHE B 247 3.63 -23.31 -8.65
C PHE B 247 3.28 -24.65 -9.28
N GLN B 248 1.99 -24.92 -9.50
CA GLN B 248 1.62 -26.13 -10.20
C GLN B 248 2.14 -26.10 -11.64
N SER B 249 1.86 -25.02 -12.36
CA SER B 249 2.36 -24.87 -13.72
C SER B 249 3.88 -24.98 -13.76
N LEU B 250 4.57 -24.47 -12.73
CA LEU B 250 6.01 -24.65 -12.67
C LEU B 250 6.39 -26.10 -12.42
N LEU B 251 5.59 -26.84 -11.65
CA LEU B 251 5.85 -28.26 -11.47
C LEU B 251 5.71 -29.01 -12.78
N ASN B 252 4.86 -28.52 -13.69
CA ASN B 252 4.76 -29.18 -14.98
C ASN B 252 5.95 -28.91 -15.90
N LEU B 253 6.68 -27.81 -15.67
CA LEU B 253 7.79 -27.47 -16.56
C LEU B 253 8.96 -28.43 -16.33
N PRO B 254 9.63 -28.87 -17.41
CA PRO B 254 10.85 -29.67 -17.23
C PRO B 254 11.95 -28.82 -16.59
N LEU B 255 12.60 -29.39 -15.57
CA LEU B 255 13.57 -28.66 -14.77
C LEU B 255 14.89 -28.55 -15.52
N THR B 256 14.92 -27.62 -16.47
CA THR B 256 16.09 -27.46 -17.32
C THR B 256 17.19 -26.67 -16.63
N ASN B 257 16.83 -25.61 -15.92
CA ASN B 257 17.80 -24.64 -15.41
C ASN B 257 17.68 -24.51 -13.89
N GLN B 258 18.74 -23.97 -13.29
CA GLN B 258 18.70 -23.64 -11.88
C GLN B 258 17.79 -22.44 -11.62
N ALA B 259 17.72 -21.51 -12.58
CA ALA B 259 16.86 -20.34 -12.44
C ALA B 259 15.40 -20.74 -12.34
N ILE B 260 15.01 -21.89 -12.89
CA ILE B 260 13.64 -22.36 -12.73
C ILE B 260 13.40 -22.80 -11.29
N THR B 261 14.39 -23.47 -10.68
CA THR B 261 14.28 -23.81 -9.27
C THR B 261 14.19 -22.57 -8.40
N ARG B 262 15.00 -21.55 -8.70
CA ARG B 262 14.94 -20.33 -7.89
C ARG B 262 13.63 -19.57 -8.12
N ASN B 263 13.06 -19.65 -9.32
CA ASN B 263 11.76 -19.05 -9.55
C ASN B 263 10.67 -19.77 -8.76
N GLY B 264 10.70 -21.11 -8.75
CA GLY B 264 9.80 -21.85 -7.89
C GLY B 264 9.96 -21.46 -6.43
N THR B 265 11.19 -21.27 -5.97
CA THR B 265 11.43 -20.78 -4.62
C THR B 265 10.77 -19.42 -4.40
N ARG B 266 10.88 -18.53 -5.40
CA ARG B 266 10.23 -17.23 -5.30
C ARG B 266 8.72 -17.38 -5.16
N ILE B 267 8.13 -18.34 -5.88
CA ILE B 267 6.70 -18.59 -5.75
C ILE B 267 6.37 -19.09 -4.36
N LEU B 268 7.16 -20.03 -3.84
CA LEU B 268 6.84 -20.65 -2.56
C LEU B 268 6.96 -19.63 -1.42
N ASN B 269 7.93 -18.72 -1.52
CA ASN B 269 8.13 -17.69 -0.48
C ASN B 269 6.84 -16.91 -0.21
N TYR B 270 5.95 -16.82 -1.19
CA TYR B 270 4.66 -16.18 -1.01
C TYR B 270 3.51 -17.17 -0.85
N MET B 271 3.61 -18.33 -1.50
CA MET B 271 2.52 -19.30 -1.46
C MET B 271 2.38 -19.95 -0.09
N ILE B 272 3.48 -20.11 0.64
CA ILE B 272 3.41 -20.74 1.97
C ILE B 272 2.70 -19.83 2.96
N PRO B 273 3.10 -18.55 3.11
CA PRO B 273 2.36 -17.70 4.07
C PRO B 273 0.94 -17.40 3.63
N THR B 274 0.72 -17.17 2.33
CA THR B 274 -0.63 -16.93 1.83
C THR B 274 -1.54 -18.13 2.09
N GLY B 275 -1.04 -19.33 1.81
CA GLY B 275 -1.80 -20.53 2.15
C GLY B 275 -2.05 -20.65 3.64
N LEU B 276 -1.04 -20.38 4.45
CA LEU B 276 -1.18 -20.50 5.90
C LEU B 276 -2.24 -19.55 6.43
N ILE B 277 -2.36 -18.36 5.84
CA ILE B 277 -3.42 -17.44 6.24
C ILE B 277 -4.79 -18.06 5.98
N LEU B 278 -4.92 -18.78 4.87
CA LEU B 278 -6.18 -19.42 4.50
C LEU B 278 -6.36 -20.78 5.16
N GLY B 279 -5.53 -21.13 6.14
CA GLY B 279 -5.65 -22.40 6.82
C GLY B 279 -5.16 -23.60 6.05
N LYS B 280 -4.19 -23.40 5.15
CA LYS B 280 -3.63 -24.50 4.36
C LYS B 280 -2.15 -24.64 4.64
N MET B 281 -1.72 -25.89 4.81
CA MET B 281 -0.34 -26.21 5.13
C MET B 281 0.21 -27.18 4.09
N VAL B 282 1.41 -26.89 3.58
CA VAL B 282 1.93 -27.65 2.46
C VAL B 282 2.40 -29.03 2.92
N LYS B 283 2.51 -29.95 1.96
CA LYS B 283 3.26 -31.19 2.13
C LYS B 283 4.64 -30.95 1.55
N TRP B 284 5.67 -31.06 2.39
CA TRP B 284 7.01 -30.66 1.98
C TRP B 284 7.63 -31.58 0.94
N GLY B 285 6.98 -32.69 0.59
CA GLY B 285 7.51 -33.63 -0.36
C GLY B 285 7.83 -33.00 -1.70
N PRO B 286 6.81 -32.47 -2.39
CA PRO B 286 7.05 -31.87 -3.71
C PRO B 286 7.77 -30.53 -3.65
N LEU B 287 8.04 -30.02 -2.45
CA LEU B 287 8.73 -28.76 -2.25
C LEU B 287 10.19 -28.93 -1.84
N ARG B 288 10.67 -30.17 -1.73
CA ARG B 288 12.08 -30.39 -1.41
C ARG B 288 13.03 -29.78 -2.43
N PRO B 289 12.84 -29.95 -3.75
CA PRO B 289 13.82 -29.41 -4.70
C PRO B 289 13.87 -27.89 -4.77
N PHE B 290 12.89 -27.18 -4.19
CA PHE B 290 12.83 -25.74 -4.32
C PHE B 290 13.10 -25.00 -3.02
N LEU B 291 13.16 -25.69 -1.88
CA LEU B 291 13.37 -25.04 -0.59
C LEU B 291 14.50 -25.74 0.15
N SER B 292 15.34 -24.94 0.80
CA SER B 292 16.36 -25.49 1.68
C SER B 292 15.72 -26.06 2.94
N GLN B 293 16.49 -26.88 3.66
CA GLN B 293 15.97 -27.49 4.87
C GLN B 293 15.73 -26.45 5.96
N GLU B 294 16.51 -25.37 5.98
CA GLU B 294 16.34 -24.36 7.02
C GLU B 294 15.06 -23.56 6.81
N THR B 295 14.74 -23.24 5.56
CA THR B 295 13.47 -22.56 5.27
C THR B 295 12.28 -23.43 5.67
N ILE B 296 12.36 -24.73 5.33
CA ILE B 296 11.31 -25.67 5.72
C ILE B 296 11.18 -25.74 7.24
N ASP B 297 12.31 -25.70 7.95
CA ASP B 297 12.27 -25.71 9.41
C ASP B 297 11.60 -24.45 9.95
N ASN B 298 11.92 -23.30 9.38
CA ASN B 298 11.33 -22.03 9.80
C ASN B 298 9.81 -22.05 9.64
N TRP B 299 9.35 -22.24 8.40
CA TRP B 299 7.92 -22.34 8.14
C TRP B 299 7.27 -23.47 8.92
N SER B 300 8.03 -24.49 9.32
CA SER B 300 7.47 -25.56 10.13
C SER B 300 7.27 -25.11 11.58
N VAL B 301 8.18 -24.29 12.09
CA VAL B 301 7.99 -23.69 13.41
C VAL B 301 6.72 -22.84 13.41
N LEU B 302 6.60 -21.95 12.42
CA LEU B 302 5.37 -21.17 12.33
C LEU B 302 4.15 -22.08 12.18
N TYR B 303 4.31 -23.18 11.45
CA TYR B 303 3.21 -24.14 11.28
C TYR B 303 2.76 -24.73 12.61
N LYS B 304 3.72 -25.08 13.48
CA LYS B 304 3.35 -25.61 14.79
C LYS B 304 2.62 -24.56 15.61
N HIS B 305 3.17 -23.34 15.66
CA HIS B 305 2.55 -22.29 16.47
C HIS B 305 1.12 -22.00 16.02
N VAL B 306 0.89 -21.93 14.71
CA VAL B 306 -0.47 -21.67 14.23
C VAL B 306 -1.35 -22.89 14.43
N ARG B 307 -0.78 -24.09 14.27
CA ARG B 307 -1.58 -25.32 14.33
C ARG B 307 -2.13 -25.55 15.72
N TYR B 308 -1.35 -25.23 16.77
CA TYR B 308 -1.79 -25.56 18.12
C TYR B 308 -2.23 -24.35 18.93
N GLY B 309 -2.39 -23.19 18.31
CA GLY B 309 -3.00 -22.06 18.98
C GLY B 309 -2.08 -21.23 19.85
N ASN B 310 -0.82 -21.06 19.45
CA ASN B 310 0.16 -20.30 20.22
C ASN B 310 0.33 -18.93 19.58
N ILE B 311 -0.41 -17.95 20.10
CA ILE B 311 -0.30 -16.58 19.59
C ILE B 311 1.08 -16.01 19.89
N GLN B 312 1.55 -16.16 21.12
CA GLN B 312 2.89 -15.69 21.47
C GLN B 312 3.95 -16.34 20.59
N GLY B 313 3.76 -17.63 20.27
CA GLY B 313 4.63 -18.28 19.31
C GLY B 313 4.63 -17.57 17.96
N VAL B 314 3.43 -17.29 17.43
CA VAL B 314 3.33 -16.65 16.12
C VAL B 314 4.00 -15.28 16.13
N SER B 315 3.72 -14.48 17.16
CA SER B 315 4.31 -13.14 17.24
C SER B 315 5.82 -13.20 17.41
N LEU B 316 6.32 -14.20 18.15
CA LEU B 316 7.76 -14.38 18.28
C LEU B 316 8.38 -14.75 16.94
N TRP B 317 7.74 -15.65 16.20
CA TRP B 317 8.24 -16.04 14.88
C TRP B 317 8.28 -14.85 13.93
N LEU B 318 7.23 -14.03 13.93
CA LEU B 318 7.21 -12.83 13.09
C LEU B 318 8.26 -11.84 13.55
N ARG B 319 8.52 -11.75 14.85
CA ARG B 319 9.52 -10.82 15.35
C ARG B 319 10.92 -11.23 14.90
N GLN B 320 11.24 -12.52 15.00
CA GLN B 320 12.55 -12.99 14.58
C GLN B 320 12.73 -12.90 13.06
N ASN B 321 11.64 -13.06 12.31
CA ASN B 321 11.68 -13.02 10.85
C ASN B 321 11.25 -11.68 10.28
N GLU B 322 11.34 -10.61 11.08
CA GLU B 322 10.71 -9.35 10.70
C GLU B 322 11.30 -8.75 9.43
N ARG B 323 12.62 -8.78 9.29
CA ARG B 323 13.28 -8.04 8.22
C ARG B 323 12.94 -8.60 6.85
N HIS B 324 13.21 -9.89 6.63
CA HIS B 324 12.96 -10.46 5.31
C HIS B 324 11.46 -10.52 5.00
N LEU B 325 10.62 -10.58 6.02
CA LEU B 325 9.18 -10.51 5.79
C LEU B 325 8.75 -9.13 5.33
N CYS B 326 9.38 -8.09 5.88
CA CYS B 326 9.11 -6.74 5.40
C CYS B 326 9.66 -6.53 3.99
N ALA B 327 10.80 -7.17 3.69
CA ALA B 327 11.38 -7.04 2.35
C ALA B 327 10.44 -7.61 1.28
N ARG B 328 9.72 -8.68 1.61
CA ARG B 328 8.76 -9.28 0.69
C ARG B 328 7.32 -8.87 1.00
N GLN B 329 7.14 -7.76 1.72
CA GLN B 329 5.81 -7.21 2.01
C GLN B 329 4.91 -8.23 2.71
N LEU B 330 5.49 -9.07 3.55
CA LEU B 330 4.76 -10.17 4.16
C LEU B 330 4.44 -9.98 5.64
N LEU B 331 5.11 -9.06 6.32
CA LEU B 331 4.99 -8.99 7.78
C LEU B 331 3.60 -8.51 8.20
N ILE B 332 3.09 -7.46 7.55
CA ILE B 332 1.85 -6.84 8.00
C ILE B 332 0.68 -7.79 7.84
N VAL B 333 0.56 -8.40 6.66
CA VAL B 333 -0.60 -9.26 6.38
C VAL B 333 -0.60 -10.49 7.27
N LEU B 334 0.58 -11.04 7.59
CA LEU B 334 0.65 -12.18 8.51
C LEU B 334 0.32 -11.75 9.93
N LEU B 335 0.92 -10.64 10.39
CA LEU B 335 0.62 -10.09 11.69
C LEU B 335 -0.87 -9.84 11.87
N GLU B 336 -1.56 -9.50 10.80
CA GLU B 336 -2.99 -9.19 10.89
C GLU B 336 -3.87 -10.43 10.75
N LYS B 337 -3.49 -11.39 9.91
CA LYS B 337 -4.42 -12.44 9.48
C LYS B 337 -4.05 -13.84 9.96
N LEU B 338 -2.85 -14.07 10.46
CA LEU B 338 -2.55 -15.33 11.13
C LEU B 338 -3.26 -15.47 12.48
N PRO B 339 -3.42 -14.38 13.27
CA PRO B 339 -4.06 -14.55 14.59
C PRO B 339 -5.41 -15.24 14.59
N MET B 340 -6.29 -15.00 13.62
CA MET B 340 -7.61 -15.61 13.71
C MET B 340 -7.57 -17.10 13.45
N VAL B 341 -6.65 -17.56 12.61
CA VAL B 341 -6.45 -18.99 12.45
C VAL B 341 -5.86 -19.59 13.73
N THR B 342 -4.88 -18.91 14.33
CA THR B 342 -4.28 -19.42 15.55
C THR B 342 -5.31 -19.50 16.69
N TYR B 343 -6.12 -18.45 16.85
CA TYR B 343 -7.24 -18.48 17.79
C TYR B 343 -8.19 -19.63 17.48
N ARG B 344 -8.52 -19.80 16.19
CA ARG B 344 -9.43 -20.88 15.79
C ARG B 344 -8.92 -22.23 16.27
N ASN B 345 -7.61 -22.48 16.10
CA ASN B 345 -7.07 -23.76 16.55
C ASN B 345 -7.00 -23.84 18.07
N LEU B 346 -6.73 -22.71 18.73
CA LEU B 346 -6.71 -22.67 20.20
C LEU B 346 -8.05 -23.11 20.78
N ILE B 347 -9.11 -22.36 20.45
CA ILE B 347 -10.44 -22.74 20.92
C ILE B 347 -10.90 -24.06 20.30
N LYS B 348 -10.27 -24.49 19.21
CA LYS B 348 -10.56 -25.83 18.68
C LYS B 348 -10.11 -26.89 19.68
N THR B 349 -8.85 -26.80 20.13
CA THR B 349 -8.36 -27.73 21.13
C THR B 349 -9.09 -27.59 22.45
N VAL B 350 -9.53 -26.37 22.80
CA VAL B 350 -10.26 -26.18 24.05
C VAL B 350 -11.63 -26.86 23.98
N ILE B 351 -12.39 -26.56 22.93
CA ILE B 351 -13.74 -27.12 22.77
C ILE B 351 -13.68 -28.63 22.58
N LYS B 352 -12.60 -29.15 22.01
CA LYS B 352 -12.50 -30.60 21.81
C LYS B 352 -12.60 -31.34 23.14
N SER B 353 -11.68 -31.06 24.06
CA SER B 353 -11.71 -31.75 25.34
C SER B 353 -12.82 -31.24 26.26
N TRP B 354 -13.18 -29.96 26.15
CA TRP B 354 -14.15 -29.40 27.08
C TRP B 354 -15.57 -29.85 26.75
N THR B 355 -15.90 -29.96 25.47
CA THR B 355 -17.25 -30.26 25.02
C THR B 355 -17.41 -31.70 24.55
N THR B 356 -16.57 -32.14 23.60
CA THR B 356 -16.75 -33.47 23.03
C THR B 356 -16.30 -34.57 23.99
N GLU B 357 -15.35 -34.28 24.87
CA GLU B 357 -14.82 -35.27 25.81
C GLU B 357 -15.39 -35.15 27.21
N TRP B 358 -15.50 -33.92 27.74
CA TRP B 358 -16.00 -33.70 29.09
C TRP B 358 -17.48 -33.38 29.12
N GLY B 359 -18.13 -33.24 27.97
CA GLY B 359 -19.57 -33.07 27.93
C GLY B 359 -20.07 -31.78 28.53
N GLN B 360 -19.32 -30.69 28.42
CA GLN B 360 -19.77 -29.38 28.87
C GLN B 360 -20.15 -28.55 27.66
N ASN B 361 -21.41 -28.16 27.60
CA ASN B 361 -21.92 -27.37 26.48
C ASN B 361 -21.58 -25.89 26.60
N LYS B 362 -21.23 -25.42 27.80
CA LYS B 362 -20.98 -24.01 28.06
C LYS B 362 -19.49 -23.73 28.17
N LEU B 363 -19.07 -22.58 27.63
CA LEU B 363 -17.67 -22.13 27.62
C LEU B 363 -17.60 -20.82 28.39
N PRO B 364 -17.34 -20.86 29.70
CA PRO B 364 -17.28 -19.61 30.47
C PRO B 364 -16.13 -18.73 30.00
N TYR B 365 -16.35 -17.41 30.10
CA TYR B 365 -15.33 -16.45 29.66
C TYR B 365 -14.06 -16.58 30.50
N SER B 366 -14.18 -17.06 31.74
CA SER B 366 -13.00 -17.23 32.58
C SER B 366 -12.09 -18.33 32.03
N LEU B 367 -12.68 -19.45 31.61
CA LEU B 367 -11.90 -20.53 30.99
C LEU B 367 -11.11 -20.02 29.80
N ILE B 368 -11.79 -19.36 28.85
CA ILE B 368 -11.13 -18.84 27.67
C ILE B 368 -10.14 -17.75 28.05
N GLU B 369 -10.35 -17.07 29.19
CA GLU B 369 -9.39 -16.06 29.60
C GLU B 369 -8.11 -16.69 30.12
N ARG B 370 -8.23 -17.83 30.82
CA ARG B 370 -7.02 -18.52 31.24
C ARG B 370 -6.29 -19.12 30.04
N VAL B 371 -7.04 -19.73 29.12
CA VAL B 371 -6.44 -20.25 27.89
C VAL B 371 -5.71 -19.15 27.14
N LEU B 372 -6.34 -17.97 27.02
CA LEU B 372 -5.69 -16.83 26.38
C LEU B 372 -4.51 -16.32 27.22
N GLN B 373 -4.54 -16.52 28.53
CA GLN B 373 -3.38 -16.19 29.36
C GLN B 373 -2.20 -17.07 28.98
N LEU B 374 -2.45 -18.34 28.69
CA LEU B 374 -1.36 -19.22 28.27
C LEU B 374 -0.91 -18.91 26.85
N SER B 375 -1.87 -18.66 25.94
CA SER B 375 -1.52 -18.51 24.53
C SER B 375 -0.88 -17.16 24.24
N ILE B 376 -1.55 -16.07 24.64
CA ILE B 376 -1.04 -14.73 24.39
C ILE B 376 0.25 -14.49 25.16
N GLY B 377 0.24 -14.81 26.46
CA GLY B 377 1.36 -14.50 27.32
C GLY B 377 1.34 -13.04 27.74
N PRO B 378 2.43 -12.33 27.50
CA PRO B 378 2.54 -10.95 27.96
C PRO B 378 1.93 -9.96 26.99
N THR B 379 1.51 -8.82 27.54
CA THR B 379 0.86 -7.77 26.77
C THR B 379 1.50 -6.42 27.15
N PHE B 380 1.09 -5.37 26.45
CA PHE B 380 1.60 -4.02 26.74
C PHE B 380 1.36 -3.64 28.20
N GLU B 381 0.22 -4.06 28.76
CA GLU B 381 -0.09 -3.70 30.15
C GLU B 381 0.84 -4.41 31.11
N ASP B 382 1.31 -5.60 30.76
CA ASP B 382 2.09 -6.40 31.69
C ASP B 382 3.51 -5.82 31.86
N PRO B 383 4.11 -6.03 33.03
CA PRO B 383 5.46 -5.53 33.26
C PRO B 383 6.51 -6.38 32.59
N GLY B 384 7.69 -5.79 32.41
CA GLY B 384 8.86 -6.33 31.71
C GLY B 384 8.98 -5.96 30.25
N ALA B 385 7.95 -5.35 29.66
CA ALA B 385 7.96 -4.85 28.26
C ALA B 385 7.09 -3.60 28.26
N GLN B 386 7.66 -2.53 28.73
CA GLN B 386 6.94 -1.29 29.00
C GLN B 386 6.73 -0.43 27.77
N GLU B 387 7.30 -0.80 26.62
CA GLU B 387 7.11 -0.07 25.38
C GLU B 387 6.23 -0.89 24.45
N ILE B 388 5.31 -0.22 23.76
CA ILE B 388 4.34 -0.93 22.94
C ILE B 388 5.01 -1.42 21.65
N THR B 389 4.59 -2.60 21.21
CA THR B 389 5.14 -3.22 20.01
C THR B 389 4.00 -3.92 19.27
N ILE B 390 4.16 -4.08 17.96
CA ILE B 390 3.17 -4.81 17.18
C ILE B 390 3.03 -6.25 17.64
N TYR B 391 4.00 -6.75 18.41
CA TYR B 391 3.99 -8.12 18.89
C TYR B 391 3.44 -8.27 20.32
N ASN B 392 3.22 -7.15 21.03
CA ASN B 392 2.64 -7.20 22.36
C ASN B 392 1.50 -6.21 22.57
N GLY B 393 1.17 -5.40 21.57
CA GLY B 393 0.14 -4.38 21.72
C GLY B 393 -1.24 -4.75 21.20
N ILE B 394 -1.32 -5.78 20.36
CA ILE B 394 -2.57 -6.14 19.70
C ILE B 394 -3.39 -7.13 20.51
N HIS B 395 -2.76 -8.18 21.00
CA HIS B 395 -3.47 -9.31 21.61
C HIS B 395 -3.39 -9.24 23.13
N SER B 396 -4.56 -9.35 23.77
CA SER B 396 -4.66 -9.32 25.22
C SER B 396 -5.65 -10.38 25.67
N PRO B 397 -5.34 -11.13 26.73
CA PRO B 397 -6.28 -12.16 27.22
C PRO B 397 -7.53 -11.58 27.87
N LYS B 398 -7.58 -10.27 28.12
CA LYS B 398 -8.79 -9.68 28.69
C LYS B 398 -9.93 -9.67 27.68
N ASN B 399 -9.63 -9.61 26.38
CA ASN B 399 -10.65 -9.45 25.35
C ASN B 399 -11.12 -10.82 24.84
N VAL B 400 -11.68 -11.59 25.77
CA VAL B 400 -12.22 -12.91 25.43
C VAL B 400 -13.40 -12.77 24.47
N GLU B 401 -14.37 -11.93 24.84
CA GLU B 401 -15.60 -11.81 24.06
C GLU B 401 -15.32 -11.29 22.66
N ASN B 402 -14.31 -10.41 22.51
CA ASN B 402 -13.98 -9.90 21.19
C ASN B 402 -13.44 -11.01 20.30
N VAL B 403 -12.52 -11.82 20.84
CA VAL B 403 -11.97 -12.93 20.08
C VAL B 403 -13.08 -13.89 19.65
N LEU B 404 -13.95 -14.25 20.60
CA LEU B 404 -15.07 -15.14 20.26
C LEU B 404 -15.95 -14.53 19.18
N VAL B 405 -16.23 -13.23 19.29
CA VAL B 405 -17.14 -12.56 18.36
C VAL B 405 -16.54 -12.53 16.95
N THR B 406 -15.24 -12.29 16.85
CA THR B 406 -14.61 -12.31 15.53
C THR B 406 -14.55 -13.73 14.98
N LEU B 407 -14.32 -14.72 15.84
CA LEU B 407 -14.35 -16.11 15.39
C LEU B 407 -15.70 -16.49 14.82
N ILE B 408 -16.78 -16.05 15.48
CA ILE B 408 -18.13 -16.38 15.00
C ILE B 408 -18.46 -15.60 13.74
N ASN B 409 -18.02 -14.34 13.65
CA ASN B 409 -18.31 -13.52 12.48
C ASN B 409 -17.54 -13.99 11.25
N LEU B 410 -16.33 -14.50 11.45
CA LEU B 410 -15.57 -15.11 10.35
C LEU B 410 -16.06 -16.50 9.98
N GLY B 411 -17.07 -17.01 10.68
CA GLY B 411 -17.56 -18.35 10.43
C GLY B 411 -16.63 -19.45 10.88
N LEU B 412 -15.68 -19.15 11.77
CA LEU B 412 -14.73 -20.16 12.24
C LEU B 412 -15.22 -20.87 13.49
N LEU B 413 -16.21 -20.31 14.18
CA LEU B 413 -16.78 -20.91 15.39
C LEU B 413 -18.28 -20.74 15.34
N ARG B 414 -19.00 -21.87 15.35
CA ARG B 414 -20.47 -21.85 15.36
C ARG B 414 -20.91 -21.88 16.82
N ALA B 415 -21.28 -20.73 17.34
CA ALA B 415 -21.64 -20.61 18.75
C ALA B 415 -22.44 -19.34 18.97
N ASN B 416 -23.16 -19.30 20.09
CA ASN B 416 -23.88 -18.12 20.53
C ASN B 416 -23.17 -17.52 21.73
N CYS B 417 -23.26 -16.21 21.87
CA CYS B 417 -22.60 -15.50 22.95
C CYS B 417 -23.62 -14.97 23.94
N PHE B 418 -23.26 -15.00 25.22
CA PHE B 418 -24.07 -14.44 26.30
C PHE B 418 -23.19 -13.51 27.11
N PRO B 419 -23.26 -12.20 26.84
CA PRO B 419 -22.38 -11.25 27.55
C PRO B 419 -22.78 -11.05 29.01
N GLN B 420 -24.08 -11.00 29.30
CA GLN B 420 -24.53 -10.84 30.67
C GLN B 420 -24.37 -12.12 31.49
N LEU B 421 -24.38 -13.28 30.83
CA LEU B 421 -23.97 -14.53 31.47
C LEU B 421 -22.48 -14.75 31.38
N GLN B 422 -21.78 -13.98 30.55
CA GLN B 422 -20.34 -14.11 30.34
C GLN B 422 -19.95 -15.53 29.95
N LEU B 423 -20.64 -16.07 28.95
CA LEU B 423 -20.31 -17.42 28.51
C LEU B 423 -20.65 -17.58 27.03
N CYS B 424 -20.12 -18.65 26.45
CA CYS B 424 -20.27 -18.94 25.03
C CYS B 424 -20.79 -20.35 24.85
N VAL B 425 -21.95 -20.49 24.22
CA VAL B 425 -22.66 -21.75 24.08
C VAL B 425 -22.40 -22.32 22.70
N VAL B 426 -21.88 -23.55 22.66
CA VAL B 426 -21.74 -24.30 21.42
C VAL B 426 -22.77 -25.41 21.41
N LYS B 427 -22.87 -26.11 20.28
CA LYS B 427 -23.82 -27.19 20.13
C LYS B 427 -23.31 -28.45 20.82
N LYS B 428 -24.18 -29.06 21.62
CA LYS B 428 -23.84 -30.28 22.36
C LYS B 428 -23.63 -31.42 21.36
N THR B 429 -22.37 -31.78 21.12
CA THR B 429 -22.08 -32.82 20.15
C THR B 429 -20.70 -33.41 20.43
N THR B 430 -20.48 -34.61 19.88
CA THR B 430 -19.18 -35.27 19.98
C THR B 430 -18.30 -35.00 18.76
N MET B 431 -18.87 -34.52 17.67
CA MET B 431 -18.11 -34.21 16.46
C MET B 431 -17.60 -32.77 16.56
N ILE B 432 -16.29 -32.61 16.49
CA ILE B 432 -15.71 -31.28 16.69
C ILE B 432 -15.84 -30.43 15.43
N GLN B 433 -15.97 -31.04 14.26
CA GLN B 433 -16.08 -30.27 13.03
C GLN B 433 -17.42 -29.57 12.89
N GLU B 434 -18.45 -30.02 13.62
CA GLU B 434 -19.72 -29.31 13.63
C GLU B 434 -19.62 -27.99 14.37
N ILE B 435 -18.77 -27.92 15.38
CA ILE B 435 -18.57 -26.68 16.14
C ILE B 435 -17.52 -25.79 15.48
N VAL B 436 -16.39 -26.37 15.12
CA VAL B 436 -15.31 -25.64 14.46
C VAL B 436 -15.09 -26.24 13.08
N PRO B 437 -15.74 -25.72 12.05
CA PRO B 437 -15.64 -26.32 10.72
C PRO B 437 -14.24 -26.17 10.14
N PRO B 438 -13.93 -26.86 9.04
CA PRO B 438 -12.65 -26.63 8.38
C PRO B 438 -12.49 -25.17 8.00
N VAL B 439 -11.33 -24.61 8.35
CA VAL B 439 -11.14 -23.16 8.27
C VAL B 439 -11.02 -22.70 6.82
N ASN B 440 -10.32 -23.47 5.98
CA ASN B 440 -10.11 -23.05 4.60
C ASN B 440 -11.41 -22.98 3.83
N GLU B 441 -12.30 -23.96 4.03
CA GLU B 441 -13.58 -23.95 3.35
C GLU B 441 -14.41 -22.73 3.77
N ARG B 442 -14.40 -22.40 5.06
CA ARG B 442 -15.16 -21.25 5.54
C ARG B 442 -14.60 -19.95 4.96
N ILE B 443 -13.28 -19.78 5.01
CA ILE B 443 -12.66 -18.55 4.50
C ILE B 443 -12.92 -18.41 3.00
N THR B 444 -12.68 -19.48 2.24
CA THR B 444 -12.88 -19.42 0.79
C THR B 444 -14.34 -19.24 0.41
N LYS B 445 -15.27 -19.70 1.25
CA LYS B 445 -16.68 -19.45 0.96
C LYS B 445 -17.07 -18.01 1.28
N MET B 446 -16.51 -17.45 2.37
CA MET B 446 -16.80 -16.07 2.69
C MET B 446 -16.10 -15.11 1.73
N PHE B 447 -14.90 -15.46 1.27
CA PHE B 447 -14.12 -14.64 0.35
C PHE B 447 -13.85 -15.44 -0.92
N PRO B 448 -14.82 -15.54 -1.82
CA PRO B 448 -14.61 -16.28 -3.07
C PRO B 448 -13.66 -15.51 -3.98
N ALA B 449 -12.58 -16.18 -4.37
CA ALA B 449 -11.59 -15.56 -5.25
C ALA B 449 -12.07 -15.61 -6.70
N HIS B 450 -11.37 -14.87 -7.55
CA HIS B 450 -11.63 -14.92 -8.97
C HIS B 450 -11.21 -16.27 -9.54
N SER B 451 -11.59 -16.51 -10.79
CA SER B 451 -11.30 -17.78 -11.43
C SER B 451 -9.79 -18.02 -11.47
N HIS B 452 -9.36 -19.13 -10.85
CA HIS B 452 -7.94 -19.45 -10.82
C HIS B 452 -7.37 -19.61 -12.23
N VAL B 453 -8.10 -20.29 -13.10
CA VAL B 453 -7.82 -20.25 -14.53
C VAL B 453 -8.44 -18.98 -15.06
N LEU B 454 -7.61 -18.03 -15.50
CA LEU B 454 -8.10 -16.72 -15.90
C LEU B 454 -9.13 -16.84 -17.03
N TRP B 455 -8.72 -17.37 -18.18
CA TRP B 455 -9.65 -17.60 -19.29
C TRP B 455 -9.05 -18.59 -20.28
N LYS C 27 24.87 -12.03 -7.33
CA LYS C 27 24.23 -12.16 -6.03
C LYS C 27 22.81 -11.57 -6.03
N SER C 28 22.66 -10.40 -6.66
CA SER C 28 21.35 -9.74 -6.68
C SER C 28 20.38 -10.47 -7.59
N LEU C 29 20.87 -11.14 -8.64
CA LEU C 29 19.98 -11.86 -9.55
C LEU C 29 19.32 -13.04 -8.87
N GLU C 30 19.97 -13.63 -7.88
CA GLU C 30 19.47 -14.84 -7.22
C GLU C 30 18.59 -14.54 -6.02
N GLU C 31 18.78 -13.40 -5.37
CA GLU C 31 18.02 -13.05 -4.17
C GLU C 31 16.81 -12.15 -4.46
N ASP C 32 16.81 -11.44 -5.59
CA ASP C 32 15.73 -10.52 -5.90
C ASP C 32 14.44 -11.28 -6.18
N ASP C 33 13.31 -10.61 -5.89
CA ASP C 33 12.01 -11.25 -6.09
C ASP C 33 11.62 -11.37 -7.55
N GLU C 34 12.22 -10.57 -8.43
CA GLU C 34 11.89 -10.66 -9.85
C GLU C 34 12.41 -11.97 -10.43
N PHE C 35 11.59 -12.58 -11.29
CA PHE C 35 11.96 -13.85 -11.90
C PHE C 35 13.20 -13.69 -12.78
N GLU C 36 14.06 -14.70 -12.74
CA GLU C 36 15.21 -14.74 -13.63
C GLU C 36 14.80 -15.23 -15.01
N ASP C 37 15.56 -14.80 -16.02
CA ASP C 37 15.28 -15.21 -17.40
C ASP C 37 15.90 -16.59 -17.65
N PHE C 38 15.09 -17.49 -18.23
CA PHE C 38 15.60 -18.79 -18.65
C PHE C 38 15.11 -19.10 -20.06
N PRO C 39 15.96 -19.72 -20.88
CA PRO C 39 15.52 -20.09 -22.24
C PRO C 39 14.47 -21.19 -22.18
N ILE C 40 13.28 -20.87 -22.70
CA ILE C 40 12.17 -21.82 -22.65
C ILE C 40 12.45 -23.03 -23.54
N ASP C 41 11.83 -24.15 -23.19
CA ASP C 41 12.02 -25.39 -23.92
C ASP C 41 11.02 -25.51 -25.08
N THR C 57 -1.01 -32.83 -9.54
CA THR C 57 -0.09 -32.93 -8.41
C THR C 57 -0.71 -32.31 -7.16
N ASN C 58 -0.75 -33.09 -6.09
CA ASN C 58 -1.29 -32.64 -4.81
C ASN C 58 -0.13 -32.33 -3.87
N ILE C 59 -0.03 -31.07 -3.45
CA ILE C 59 1.06 -30.62 -2.59
C ILE C 59 0.57 -30.08 -1.25
N TRP C 60 -0.74 -30.12 -1.00
CA TRP C 60 -1.31 -29.58 0.22
C TRP C 60 -1.84 -30.70 1.11
N GLU C 61 -1.86 -30.44 2.41
CA GLU C 61 -2.43 -31.40 3.35
C GLU C 61 -3.93 -31.53 3.14
N GLU C 62 -4.42 -32.77 3.04
CA GLU C 62 -5.85 -33.00 2.90
C GLU C 62 -6.61 -32.40 4.07
N ASN C 63 -6.13 -32.66 5.28
CA ASN C 63 -6.72 -32.07 6.49
C ASN C 63 -5.73 -32.24 7.62
N TRP C 64 -5.37 -31.13 8.27
CA TRP C 64 -4.51 -31.16 9.44
C TRP C 64 -5.29 -31.06 10.74
N ASP C 65 -6.62 -31.00 10.68
CA ASP C 65 -7.42 -31.03 11.89
C ASP C 65 -7.57 -32.45 12.42
N ASP C 66 -7.75 -33.42 11.52
CA ASP C 66 -7.92 -34.81 11.94
C ASP C 66 -6.60 -35.41 12.39
N VAL C 67 -5.51 -35.17 11.65
CA VAL C 67 -4.19 -35.66 12.02
C VAL C 67 -3.68 -34.85 13.19
N GLU C 68 -4.00 -35.28 14.41
CA GLU C 68 -3.62 -34.58 15.63
C GLU C 68 -2.35 -35.19 16.20
N VAL C 69 -1.39 -34.33 16.55
CA VAL C 69 -0.15 -34.74 17.17
C VAL C 69 0.00 -33.99 18.48
N ASP C 70 0.35 -34.72 19.55
CA ASP C 70 0.52 -34.10 20.85
C ASP C 70 1.69 -33.13 20.83
N ASP C 71 1.40 -31.85 21.08
CA ASP C 71 2.40 -30.81 21.07
C ASP C 71 2.74 -30.39 22.50
N ASP C 72 3.95 -29.85 22.66
CA ASP C 72 4.36 -29.33 23.97
C ASP C 72 3.41 -28.26 24.47
N PHE C 73 3.17 -27.24 23.62
CA PHE C 73 2.20 -26.20 23.96
C PHE C 73 0.82 -26.79 24.22
N THR C 74 0.42 -27.78 23.41
CA THR C 74 -0.86 -28.45 23.63
C THR C 74 -0.86 -29.22 24.94
N ASN C 75 0.29 -29.73 25.38
CA ASN C 75 0.36 -30.39 26.67
C ASN C 75 0.15 -29.39 27.81
N GLU C 76 0.79 -28.22 27.73
CA GLU C 76 0.57 -27.23 28.78
C GLU C 76 -0.86 -26.69 28.75
N LEU C 77 -1.47 -26.61 27.55
CA LEU C 77 -2.85 -26.15 27.46
C LEU C 77 -3.81 -27.18 28.05
N LYS C 78 -3.58 -28.46 27.77
CA LYS C 78 -4.40 -29.51 28.39
C LYS C 78 -4.25 -29.51 29.90
N ALA C 79 -3.02 -29.32 30.40
CA ALA C 79 -2.83 -29.24 31.85
C ALA C 79 -3.55 -28.04 32.44
N GLU C 80 -3.57 -26.91 31.71
CA GLU C 80 -4.32 -25.75 32.18
C GLU C 80 -5.82 -26.02 32.18
N LEU C 81 -6.31 -26.79 31.20
CA LEU C 81 -7.71 -27.19 31.18
C LEU C 81 -8.04 -28.10 32.35
N ASP C 82 -7.11 -28.98 32.73
CA ASP C 82 -7.34 -29.86 33.87
C ASP C 82 -7.34 -29.08 35.18
N ARG C 83 -6.39 -28.16 35.35
CA ARG C 83 -6.34 -27.37 36.57
C ARG C 83 -7.55 -26.46 36.70
N TYR C 84 -7.98 -25.84 35.59
CA TYR C 84 -9.20 -25.03 35.63
C TYR C 84 -10.42 -25.90 35.91
N LYS C 85 -10.48 -27.10 35.30
CA LYS C 85 -11.57 -28.02 35.56
C LYS C 85 -11.59 -28.45 37.02
N ARG C 86 -10.43 -28.41 37.69
CA ARG C 86 -10.36 -28.87 39.07
C ARG C 86 -10.64 -27.76 40.08
N GLU C 87 -10.18 -26.53 39.80
CA GLU C 87 -10.45 -25.43 40.72
C GLU C 87 -11.91 -25.00 40.66
N ASN C 88 -12.58 -25.23 39.54
CA ASN C 88 -13.99 -24.88 39.38
C ASN C 88 -14.86 -26.13 39.42
N GLN C 89 -14.85 -26.83 40.55
CA GLN C 89 -15.60 -28.08 40.68
C GLN C 89 -17.09 -27.78 40.94
N UNK D 1 16.31 41.81 -6.06
CA UNK D 1 16.64 42.91 -6.95
C UNK D 1 16.37 44.25 -6.27
N UNK D 2 17.26 45.21 -6.49
CA UNK D 2 17.12 46.50 -5.81
C UNK D 2 15.94 47.30 -6.35
N UNK D 3 15.73 47.26 -7.67
CA UNK D 3 14.54 47.89 -8.24
C UNK D 3 13.28 47.26 -7.67
N UNK D 4 13.31 45.95 -7.40
CA UNK D 4 12.16 45.30 -6.78
C UNK D 4 11.94 45.81 -5.36
N UNK D 5 13.03 45.99 -4.61
CA UNK D 5 12.91 46.51 -3.25
C UNK D 5 12.33 47.92 -3.25
N UNK D 6 12.87 48.80 -4.08
CA UNK D 6 12.35 50.17 -4.15
C UNK D 6 10.88 50.17 -4.60
N UNK D 7 10.52 49.29 -5.53
CA UNK D 7 9.14 49.24 -6.00
C UNK D 7 8.20 48.79 -4.90
N UNK D 8 8.58 47.75 -4.15
CA UNK D 8 7.75 47.30 -3.03
C UNK D 8 7.60 48.40 -1.99
N UNK D 9 8.69 49.10 -1.67
CA UNK D 9 8.59 50.22 -0.75
C UNK D 9 7.61 51.27 -1.26
N UNK D 10 7.66 51.56 -2.56
CA UNK D 10 6.72 52.51 -3.14
C UNK D 10 5.28 52.02 -3.01
N UNK D 11 5.08 50.70 -3.14
CA UNK D 11 3.73 50.16 -2.98
C UNK D 11 3.24 50.29 -1.56
N UNK D 12 4.12 50.10 -0.57
CA UNK D 12 3.72 50.29 0.81
C UNK D 12 3.39 51.75 1.09
N UNK D 13 4.26 52.66 0.65
CA UNK D 13 4.00 54.09 0.85
C UNK D 13 2.71 54.52 0.18
N UNK D 14 2.40 53.96 -0.99
CA UNK D 14 1.14 54.27 -1.65
C UNK D 14 -0.04 53.65 -0.93
N UNK D 15 0.17 52.50 -0.27
CA UNK D 15 -0.88 51.92 0.55
C UNK D 15 -1.19 52.79 1.77
N UNK D 16 -0.17 53.45 2.33
CA UNK D 16 -0.41 54.29 3.49
C UNK D 16 -1.00 55.65 3.12
N UNK D 17 -0.47 56.28 2.06
CA UNK D 17 -0.91 57.61 1.66
C UNK D 17 -2.29 57.60 1.03
N UNK E 1 -5.88 58.56 3.61
CA UNK E 1 -7.06 58.03 2.96
C UNK E 1 -6.94 56.54 2.71
N UNK E 2 -8.05 55.90 2.37
CA UNK E 2 -8.10 54.46 2.15
C UNK E 2 -8.10 54.08 0.67
N UNK E 3 -8.88 54.79 -0.15
CA UNK E 3 -9.01 54.44 -1.55
C UNK E 3 -7.89 55.03 -2.41
N UNK E 4 -7.45 56.26 -2.10
CA UNK E 4 -6.37 56.88 -2.87
C UNK E 4 -5.08 56.07 -2.77
N UNK E 5 -4.77 55.56 -1.56
CA UNK E 5 -3.58 54.74 -1.39
C UNK E 5 -3.65 53.49 -2.24
N UNK E 6 -4.81 52.83 -2.27
CA UNK E 6 -4.94 51.60 -3.04
C UNK E 6 -4.88 51.88 -4.54
N UNK E 7 -5.43 53.01 -4.98
CA UNK E 7 -5.37 53.34 -6.40
C UNK E 7 -3.93 53.63 -6.84
N UNK E 8 -3.25 54.53 -6.12
CA UNK E 8 -1.87 54.85 -6.47
C UNK E 8 -0.96 53.62 -6.36
N UNK E 9 -1.20 52.78 -5.35
CA UNK E 9 -0.42 51.55 -5.23
C UNK E 9 -0.75 50.58 -6.36
N UNK E 10 -1.95 50.66 -6.92
CA UNK E 10 -2.26 49.86 -8.10
C UNK E 10 -1.49 50.35 -9.32
N UNK E 11 -1.40 51.68 -9.50
CA UNK E 11 -0.58 52.20 -10.58
C UNK E 11 0.88 51.78 -10.42
N UNK E 12 1.42 51.93 -9.21
CA UNK E 12 2.80 51.51 -8.95
C UNK E 12 2.99 50.02 -9.17
N UNK E 13 1.95 49.21 -8.91
CA UNK E 13 2.02 47.79 -9.22
C UNK E 13 2.07 47.56 -10.72
N UNK E 14 1.30 48.35 -11.48
CA UNK E 14 1.32 48.22 -12.93
C UNK E 14 2.70 48.53 -13.50
N UNK E 15 3.36 49.58 -12.99
CA UNK E 15 4.72 49.84 -13.47
C UNK E 15 5.69 48.78 -12.99
N UNK E 16 5.53 48.33 -11.74
CA UNK E 16 6.48 47.40 -11.13
C UNK E 16 6.46 46.04 -11.83
N UNK E 17 5.29 45.60 -12.32
CA UNK E 17 5.23 44.32 -13.00
C UNK E 17 6.07 44.33 -14.28
N UNK E 18 5.95 45.39 -15.07
CA UNK E 18 6.75 45.48 -16.29
C UNK E 18 8.23 45.64 -15.98
N UNK E 19 8.57 46.47 -14.99
CA UNK E 19 9.97 46.61 -14.62
C UNK E 19 10.59 45.28 -14.21
N UNK E 20 9.92 44.57 -13.29
CA UNK E 20 10.46 43.29 -12.81
C UNK E 20 10.48 42.25 -13.92
N UNK E 21 9.53 42.29 -14.85
CA UNK E 21 9.59 41.41 -16.01
C UNK E 21 10.83 41.69 -16.85
N UNK E 22 11.15 42.97 -17.06
CA UNK E 22 12.38 43.30 -17.78
C UNK E 22 13.61 42.88 -16.99
N UNK E 23 13.52 42.84 -15.65
CA UNK E 23 14.69 42.44 -14.87
C UNK E 23 14.89 40.92 -14.90
N UNK E 24 13.90 40.16 -15.31
CA UNK E 24 14.01 38.69 -15.32
C UNK E 24 13.74 38.14 -13.93
N UNK F 1 -0.13 42.04 -0.46
CA UNK F 1 0.18 43.41 -0.10
C UNK F 1 -0.71 43.84 1.04
N UNK F 2 -0.31 44.91 1.71
CA UNK F 2 -1.31 45.72 2.40
C UNK F 2 -2.30 46.27 1.40
N UNK F 3 -1.84 46.52 0.16
CA UNK F 3 -2.71 47.05 -0.87
C UNK F 3 -3.87 46.11 -1.17
N UNK F 4 -3.58 44.82 -1.40
CA UNK F 4 -4.66 43.88 -1.70
C UNK F 4 -5.37 43.38 -0.45
N UNK F 5 -4.79 43.58 0.73
CA UNK F 5 -5.58 43.41 1.94
C UNK F 5 -6.68 44.45 2.00
N UNK F 6 -6.34 45.71 1.70
CA UNK F 6 -7.35 46.75 1.64
C UNK F 6 -8.34 46.48 0.50
N UNK F 7 -7.84 46.08 -0.66
CA UNK F 7 -8.70 45.82 -1.81
C UNK F 7 -9.70 44.70 -1.51
N UNK F 8 -9.19 43.55 -1.05
CA UNK F 8 -10.09 42.45 -0.70
C UNK F 8 -11.00 42.83 0.45
N UNK F 9 -10.56 43.73 1.33
CA UNK F 9 -11.45 44.26 2.36
C UNK F 9 -12.62 45.03 1.73
N UNK F 10 -12.34 45.84 0.71
CA UNK F 10 -13.44 46.55 0.04
C UNK F 10 -14.27 45.59 -0.81
N UNK F 11 -13.62 44.66 -1.51
CA UNK F 11 -14.32 43.74 -2.40
C UNK F 11 -14.99 42.60 -1.63
#